data_2KP4
#
_entry.id   2KP4
#
_cell.length_a   1.000
_cell.length_b   1.000
_cell.length_c   1.000
_cell.angle_alpha   90.00
_cell.angle_beta   90.00
_cell.angle_gamma   90.00
#
_symmetry.space_group_name_H-M   'P 1'
#
loop_
_entity.id
_entity.type
_entity.pdbx_description
1 polymer "DNA (5'-D(*(GFL)P*(CFL)P*(TAF)P*(A5L)P*(TAF)P*(A5L)P*(A5L)P*(TAF)P*(GFL)P*(GFL))-3')"
2 polymer "RNA (5'-R(*CP*CP*AP*UP*UP*AP*UP*AP*GP*C)-3')"
#
loop_
_entity_poly.entity_id
_entity_poly.type
_entity_poly.pdbx_seq_one_letter_code
_entity_poly.pdbx_strand_id
1 'polydeoxyribonucleotide' (GFL)(CFL)(TAF)(A5L)(TAF)(A5L)(A5L)(TAF)(GFL)(GFL) A
2 'polyribonucleotide' CCAUUAUAGC B
#
loop_
_chem_comp.id
_chem_comp.type
_chem_comp.name
_chem_comp.formula
A RNA linking ADENOSINE-5'-MONOPHOSPHATE 'C10 H14 N5 O7 P'
A5L DNA linking 9-(2-deoxy-2-fluoro-5-O-phosphono-beta-D-arabinofuranosyl)-9H-purin-6-amine 'C10 H13 F N5 O6 P'
C RNA linking CYTIDINE-5'-MONOPHOSPHATE 'C9 H14 N3 O8 P'
CFL DNA linking 4-amino-1-(2-deoxy-2-fluoro-5-O-phosphono-beta-D-arabinofuranosyl)pyrimidin-2(1H)-one 'C9 H13 F N3 O7 P'
G RNA linking GUANOSINE-5'-MONOPHOSPHATE 'C10 H14 N5 O8 P'
GFL DNA linking 2-AMINO-9-(2-DEOXY-2-FLUORO-5-O-PHOSPHONO-BETA-D-ARABINOFURANOSYL)-1,9-DIHYDRO-6H-PURIN-6-ONE 'C10 H13 F N5 O7 P'
TAF DNA linking '2'-DEOXY-2'-FLUORO-ARABINO-FURANOSYL THYMINE-5'-PHOSPHATE' 'C10 H14 F N2 O8 P'
U RNA linking URIDINE-5'-MONOPHOSPHATE 'C9 H13 N2 O9 P'
#
# COMPACT_ATOMS: atom_id res chain seq x y z
O5' GFL A 1 -11.64 -3.81 -12.70
C5' GFL A 1 -12.43 -4.93 -12.35
C4' GFL A 1 -11.85 -5.78 -11.20
O4' GFL A 1 -10.61 -6.36 -11.61
C3' GFL A 1 -11.62 -5.05 -9.87
O3' GFL A 1 -12.34 -5.74 -8.84
C2' GFL A 1 -10.09 -5.00 -9.76
C1' GFL A 1 -9.71 -6.29 -10.51
N9 GFL A 1 -8.31 -6.35 -11.00
C8 GFL A 1 -7.60 -5.43 -11.72
N7 GFL A 1 -6.43 -5.83 -12.12
C5 GFL A 1 -6.34 -7.12 -11.63
C6 GFL A 1 -5.30 -8.11 -11.75
O6 GFL A 1 -4.24 -8.05 -12.37
N1 GFL A 1 -5.57 -9.27 -11.07
C2 GFL A 1 -6.72 -9.50 -10.36
N2 GFL A 1 -6.83 -10.64 -9.73
N3 GFL A 1 -7.73 -8.63 -10.27
C4 GFL A 1 -7.48 -7.45 -10.92
F GFL A 1 -9.61 -3.90 -10.43
H5'1 GFL A 1 -13.43 -4.58 -12.06
H5'2 GFL A 1 -12.55 -5.57 -13.23
H4' GFL A 1 -12.54 -6.60 -11.02
H3' GFL A 1 -11.97 -4.02 -9.92
H2' GFL A 1 -9.71 -5.03 -8.74
H1' GFL A 1 -9.83 -7.10 -9.79
H8 GFL A 1 -8.00 -4.45 -11.93
HN1 GFL A 1 -4.84 -9.97 -11.07
HN21 GFL A 1 -7.67 -10.75 -9.19
HN22 GFL A 1 -6.06 -11.31 -9.71
HO5' GFL A 1 -10.71 -4.09 -12.79
P CFL A 2 -12.52 -5.16 -7.34
O1P CFL A 2 -13.84 -5.60 -6.84
O2P CFL A 2 -12.16 -3.73 -7.33
O5' CFL A 2 -11.40 -6.01 -6.55
C5' CFL A 2 -11.57 -7.40 -6.36
C4' CFL A 2 -10.36 -8.12 -5.75
O4' CFL A 2 -9.27 -8.18 -6.65
C3' CFL A 2 -9.88 -7.52 -4.41
O3' CFL A 2 -9.98 -8.50 -3.38
C2' CFL A 2 -8.45 -7.05 -4.75
C1' CFL A 2 -8.08 -7.96 -5.92
N1 CFL A 2 -7.02 -7.44 -6.85
C2 CFL A 2 -5.84 -8.17 -7.04
O2 CFL A 2 -5.65 -9.25 -6.47
N3 CFL A 2 -4.85 -7.71 -7.86
C4 CFL A 2 -5.03 -6.56 -8.49
N4 CFL A 2 -4.08 -6.18 -9.30
C5 CFL A 2 -6.23 -5.79 -8.38
C6 CFL A 2 -7.21 -6.28 -7.58
F CFL A 2 -8.48 -5.72 -5.13
H5'1 CFL A 2 -12.44 -7.56 -5.71
H5'2 CFL A 2 -11.79 -7.87 -7.32
H4' CFL A 2 -10.67 -9.15 -5.55
H3' CFL A 2 -10.47 -6.65 -4.16
H2' CFL A 2 -7.77 -7.17 -3.91
H1' CFL A 2 -7.71 -8.89 -5.46
HN41 CFL A 2 -3.25 -6.78 -9.42
HN42 CFL A 2 -4.20 -5.36 -9.85
H5 CFL A 2 -6.38 -4.89 -8.93
H6 CFL A 2 -8.16 -5.75 -7.48
P TAF A 3 -9.58 -8.20 -1.84
OP1 TAF A 3 -10.34 -9.10 -0.97
OP2 TAF A 3 -9.63 -6.74 -1.64
O5' TAF A 3 -8.04 -8.67 -1.86
N1 TAF A 3 -3.96 -7.89 -3.76
C6 TAF A 3 -4.79 -6.79 -3.85
C2 TAF A 3 -2.75 -7.92 -4.44
O2 TAF A 3 -1.90 -8.80 -4.29
N3 TAF A 3 -2.51 -6.89 -5.32
C4 TAF A 3 -3.31 -5.79 -5.51
O4 TAF A 3 -2.95 -4.94 -6.33
C5 TAF A 3 -4.51 -5.75 -4.68
C5M TAF A 3 -5.45 -4.56 -4.71
F2' TAF A 3 -4.80 -7.67 -1.10
C2' TAF A 3 -4.37 -8.93 -1.46
C5' TAF A 3 -7.72 -10.03 -2.13
C4' TAF A 3 -6.22 -10.27 -2.31
O4' TAF A 3 -5.68 -9.47 -3.35
C1' TAF A 3 -4.36 -9.10 -2.98
C3' TAF A 3 -5.39 -10.01 -1.05
O3' TAF A 3 -4.79 -11.23 -0.61
H6 TAF A 3 -5.68 -6.79 -3.23
H3 TAF A 3 -1.64 -6.92 -5.83
H71 TAF A 3 -5.80 -4.40 -5.72
H72 TAF A 3 -4.91 -3.67 -4.37
H73 TAF A 3 -6.30 -4.72 -4.05
H2' TAF A 3 -3.38 -9.10 -1.06
H5' TAF A 3 -8.09 -10.66 -1.32
H5'' TAF A 3 -8.21 -10.34 -3.06
H4' TAF A 3 -6.09 -11.31 -2.59
H1' TAF A 3 -3.66 -9.89 -3.21
H3' TAF A 3 -6.02 -9.58 -0.27
F A5L A 4 -1.58 -7.95 1.26
P A5L A 4 -4.27 -11.42 0.90
N1 A5L A 4 1.34 -5.22 -4.22
C2 A5L A 4 2.00 -6.20 -3.63
N3 A5L A 4 1.59 -7.00 -2.67
C4 A5L A 4 0.31 -6.73 -2.28
C5 A5L A 4 -0.50 -5.76 -2.80
C6 A5L A 4 0.09 -4.98 -3.82
N6 A5L A 4 -0.50 -3.96 -4.42
N7 A5L A 4 -1.74 -5.74 -2.17
C8 A5L A 4 -1.63 -6.69 -1.28
N9 A5L A 4 -0.41 -7.33 -1.27
C1' A5L A 4 0.10 -8.42 -0.39
C2' A5L A 4 -0.27 -8.37 1.10
C3' A5L A 4 -0.15 -9.85 1.50
O3' A5L A 4 1.12 -10.26 2.03
C4' A5L A 4 -0.44 -10.61 0.20
O4' A5L A 4 -0.38 -9.67 -0.88
C5' A5L A 4 -1.74 -11.42 0.21
O5' A5L A 4 -2.83 -10.75 0.81
OP1 A5L A 4 -4.11 -12.87 1.16
OP2 A5L A 4 -5.12 -10.60 1.79
H2 A5L A 4 3.00 -6.36 -4.02
H8 A5L A 4 -2.42 -6.95 -0.59
HN6 A5L A 4 -1.44 -3.72 -4.17
HN6A A5L A 4 0.01 -3.48 -5.16
H5' A5L A 4 -1.56 -12.35 0.75
H5'A A5L A 4 -1.99 -11.69 -0.83
H1' A5L A 4 1.19 -8.34 -0.44
H2' A5L A 4 0.39 -7.71 1.64
H3' A5L A 4 -0.92 -10.05 2.24
H4' A5L A 4 0.35 -11.34 0.04
P TAF A 5 1.77 -9.64 3.37
OP1 TAF A 5 2.67 -10.64 3.98
OP2 TAF A 5 0.68 -9.01 4.16
O5' TAF A 5 2.65 -8.49 2.68
N1 TAF A 5 2.41 -4.75 -0.29
C6 TAF A 5 1.23 -4.78 0.44
C2 TAF A 5 2.60 -3.83 -1.31
O2 TAF A 5 3.64 -3.72 -1.94
N3 TAF A 5 1.53 -3.02 -1.61
C4 TAF A 5 0.32 -2.98 -0.97
O4 TAF A 5 -0.53 -2.18 -1.36
C5 TAF A 5 0.20 -3.94 0.13
C5M TAF A 5 -1.07 -4.02 0.96
F2' TAF A 5 3.63 -4.59 2.16
C2' TAF A 5 4.39 -5.27 1.22
C5' TAF A 5 3.68 -8.84 1.78
C4' TAF A 5 4.18 -7.65 0.97
O4' TAF A 5 3.11 -7.01 0.29
C1' TAF A 5 3.54 -5.68 0.02
C3' TAF A 5 4.86 -6.59 1.84
O3' TAF A 5 6.28 -6.75 1.82
H6 TAF A 5 1.16 -5.48 1.26
H3 TAF A 5 1.70 -2.33 -2.34
H71 TAF A 5 -1.80 -4.65 0.46
H72 TAF A 5 -1.49 -3.02 1.08
H73 TAF A 5 -0.86 -4.43 1.95
H2' TAF A 5 5.22 -4.66 0.86
H5' TAF A 5 4.51 -9.28 2.33
H5'' TAF A 5 3.31 -9.59 1.07
H4' TAF A 5 4.90 -8.02 0.23
H1' TAF A 5 4.20 -5.70 -0.85
H3' TAF A 5 4.48 -6.65 2.85
F A5L A 6 6.55 -0.90 2.44
P A5L A 6 7.26 -5.97 2.85
N1 A5L A 6 2.94 2.08 -1.53
C2 A5L A 6 4.26 2.10 -1.65
N3 A5L A 6 5.13 1.21 -1.17
C4 A5L A 6 4.50 0.22 -0.46
C5 A5L A 6 3.15 0.10 -0.24
C6 A5L A 6 2.36 1.09 -0.84
N6 A5L A 6 1.04 1.14 -0.77
N7 A5L A 6 2.87 -1.03 0.53
C8 A5L A 6 4.06 -1.55 0.73
N9 A5L A 6 5.09 -0.86 0.13
C1' A5L A 6 6.53 -1.22 0.08
C2' A5L A 6 7.34 -0.81 1.31
C3' A5L A 6 8.46 -1.85 1.35
O3' A5L A 6 9.76 -1.35 1.00
C4' A5L A 6 8.01 -2.93 0.37
O4' A5L A 6 6.69 -2.62 -0.04
C5' A5L A 6 8.12 -4.36 0.94
O5' A5L A 6 7.38 -4.53 2.15
OP1 A5L A 6 8.59 -6.62 2.81
OP2 A5L A 6 6.54 -5.82 4.13
H2 A5L A 6 4.68 2.95 -2.17
H8 A5L A 6 4.23 -2.44 1.31
HN6 A5L A 6 0.57 0.40 -0.28
HN6A A5L A 6 0.51 1.87 -1.25
H5' A5L A 6 9.17 -4.58 1.13
H5'A A5L A 6 7.75 -5.06 0.19
H1' A5L A 6 6.95 -0.70 -0.77
H2' A5L A 6 7.73 0.19 1.17
H3' A5L A 6 8.49 -2.27 2.36
H4' A5L A 6 8.64 -2.88 -0.51
F A5L A 7 8.18 3.26 3.31
P A5L A 7 10.65 -0.47 2.04
N1 A5L A 7 2.59 4.96 0.19
C2 A5L A 7 3.70 5.48 -0.30
N3 A5L A 7 4.96 5.13 -0.02
C4 A5L A 7 5.01 4.12 0.87
C5 A5L A 7 3.95 3.46 1.45
C6 A5L A 7 2.68 3.96 1.06
N6 A5L A 7 1.54 3.49 1.53
N7 A5L A 7 4.38 2.45 2.31
C8 A5L A 7 5.67 2.53 2.21
N9 A5L A 7 6.15 3.52 1.38
C1' A5L A 7 7.54 3.91 1.10
C2' A5L A 7 8.43 4.20 2.33
C3' A5L A 7 9.83 4.01 1.74
O3' A5L A 7 10.48 5.21 1.31
C4' A5L A 7 9.61 3.08 0.55
O4' A5L A 7 8.21 2.88 0.37
C5' A5L A 7 10.38 1.75 0.64
O5' A5L A 7 10.06 1.01 1.81
OP1 A5L A 7 12.06 -0.48 1.57
OP2 A5L A 7 10.32 -0.90 3.40
H2 A5L A 7 3.56 6.27 -1.01
H8 A5L A 7 6.37 1.90 2.73
HN6 A5L A 7 1.56 2.78 2.24
HN6A A5L A 7 0.66 3.89 1.17
H5' A5L A 7 11.45 1.97 0.66
H5'A A5L A 7 10.16 1.16 -0.24
H1' A5L A 7 7.48 4.83 0.54
H2' A5L A 7 8.26 5.19 2.70
H3' A5L A 7 10.44 3.52 2.50
H4' A5L A 7 9.98 3.59 -0.35
P TAF A 8 10.91 6.40 2.33
OP1 TAF A 8 12.04 7.15 1.75
OP2 TAF A 8 11.00 5.82 3.69
O5' TAF A 8 9.59 7.32 2.25
N1 TAF A 8 4.83 7.28 2.68
C6 TAF A 8 5.31 6.33 3.57
C2 TAF A 8 3.45 7.42 2.49
O2 TAF A 8 2.96 8.30 1.78
N3 TAF A 8 2.64 6.53 3.14
C4 TAF A 8 3.03 5.53 4.00
O4 TAF A 8 2.16 4.78 4.46
C5 TAF A 8 4.47 5.47 4.22
C5M TAF A 8 5.10 4.47 5.18
F2' TAF A 8 6.50 8.90 4.10
C2' TAF A 8 6.29 9.33 2.81
C5' TAF A 8 9.22 7.97 1.05
C4' TAF A 8 7.81 8.55 1.11
O4' TAF A 8 6.87 7.53 1.41
C1' TAF A 8 5.74 8.19 1.94
C3' TAF A 8 7.63 9.65 2.15
O3' TAF A 8 7.70 10.96 1.56
H6 TAF A 8 6.37 6.29 3.76
H3 TAF A 8 1.65 6.67 3.01
H71 TAF A 8 5.41 5.00 6.08
H72 TAF A 8 5.96 4.01 4.72
H73 TAF A 8 4.39 3.71 5.45
H2' TAF A 8 5.59 10.16 2.79
H5' TAF A 8 9.94 8.77 0.84
H5'' TAF A 8 9.27 7.26 0.21
H4' TAF A 8 7.56 8.96 0.13
H1' TAF A 8 5.17 8.66 1.14
H3' TAF A 8 8.41 9.54 2.91
P GFL A 9 7.90 12.30 2.47
O1P GFL A 9 8.22 13.42 1.56
O2P GFL A 9 8.81 11.96 3.59
O5' GFL A 9 6.42 12.53 3.06
C5' GFL A 9 5.39 13.03 2.22
C4' GFL A 9 4.02 13.17 2.90
O4' GFL A 9 3.36 11.92 3.08
C3' GFL A 9 3.99 13.90 4.25
O3' GFL A 9 2.95 14.89 4.22
C2' GFL A 9 3.75 12.78 5.26
C1' GFL A 9 2.84 11.90 4.42
N9 GFL A 9 2.61 10.53 4.90
C8 GFL A 9 3.48 9.56 5.30
N7 GFL A 9 2.92 8.48 5.76
C5 GFL A 9 1.55 8.75 5.70
C6 GFL A 9 0.38 8.02 6.10
O6 GFL A 9 0.27 6.89 6.58
N1 GFL A 9 -0.80 8.72 5.90
C2 GFL A 9 -0.87 9.96 5.37
N2 GFL A 9 -2.03 10.58 5.37
N3 GFL A 9 0.18 10.68 4.97
C4 GFL A 9 1.36 10.02 5.16
F GFL A 9 4.91 12.09 5.61
H5'1 GFL A 9 5.68 14.00 1.84
H5'2 GFL A 9 5.28 12.36 1.36
H4' GFL A 9 3.43 13.77 2.18
H3' GFL A 9 4.96 14.37 4.46
H2' GFL A 9 3.23 13.11 6.16
H1' GFL A 9 1.87 12.34 4.48
H8 GFL A 9 4.52 9.76 5.21
HN1 GFL A 9 -1.65 8.28 6.21
HN21 GFL A 9 -1.98 11.55 5.14
HN22 GFL A 9 -2.87 10.15 5.79
P GFL A 10 2.60 15.88 5.46
O1P GFL A 10 2.23 17.19 4.91
O2P GFL A 10 3.70 15.76 6.45
O5' GFL A 10 1.27 15.19 6.07
C5' GFL A 10 0.08 15.20 5.31
C4' GFL A 10 -1.21 14.79 6.06
O4' GFL A 10 -1.24 13.38 6.31
C3' GFL A 10 -1.47 15.51 7.39
O3' GFL A 10 -2.84 15.90 7.53
C2' GFL A 10 -1.08 14.45 8.43
C1' GFL A 10 -1.46 13.17 7.69
N9 GFL A 10 -0.75 11.96 8.16
C8 GFL A 10 0.57 11.64 8.05
N7 GFL A 10 0.88 10.45 8.52
C5 GFL A 10 -0.34 9.95 8.99
C6 GFL A 10 -0.69 8.71 9.60
O6 GFL A 10 0.00 7.73 9.89
N1 GFL A 10 -2.05 8.62 9.91
C2 GFL A 10 -2.95 9.60 9.64
N2 GFL A 10 -4.20 9.38 9.99
N3 GFL A 10 -2.66 10.76 9.09
C4 GFL A 10 -1.34 10.88 8.77
F GFL A 10 0.28 14.47 8.69
H5'1 GFL A 10 -0.09 16.20 4.92
H5'2 GFL A 10 0.20 14.52 4.46
H4' GFL A 10 -2.02 15.04 5.38
H3' GFL A 10 -0.79 16.36 7.49
HO3' GFL A 10 -2.92 16.82 7.80
H2' GFL A 10 -1.63 14.55 9.36
H1' GFL A 10 -2.52 12.98 7.89
H8 GFL A 10 1.27 12.33 7.59
HN1 GFL A 10 -2.37 7.75 10.30
HN21 GFL A 10 -4.84 10.12 9.78
HN22 GFL A 10 -4.48 8.51 10.46
O5' GFL A 1 -11.98 -2.07 -10.15
C5' GFL A 1 -12.95 -3.10 -10.00
C4' GFL A 1 -12.47 -4.30 -9.17
O4' GFL A 1 -11.42 -4.98 -9.85
C3' GFL A 1 -11.99 -3.96 -7.75
O3' GFL A 1 -12.69 -4.79 -6.83
C2' GFL A 1 -10.48 -4.16 -7.85
C1' GFL A 1 -10.42 -5.31 -8.87
N9 GFL A 1 -9.10 -5.48 -9.53
C8 GFL A 1 -8.36 -4.55 -10.21
N7 GFL A 1 -7.27 -5.02 -10.75
C5 GFL A 1 -7.27 -6.36 -10.38
C6 GFL A 1 -6.32 -7.40 -10.63
O6 GFL A 1 -5.28 -7.37 -11.30
N1 GFL A 1 -6.63 -8.59 -10.00
C2 GFL A 1 -7.75 -8.79 -9.26
N2 GFL A 1 -7.89 -9.96 -8.68
N3 GFL A 1 -8.69 -7.86 -9.05
C4 GFL A 1 -8.39 -6.65 -9.62
F GFL A 1 -9.88 -3.04 -8.38
H5'1 GFL A 1 -13.83 -2.69 -9.53
H5'2 GFL A 1 -13.23 -3.47 -10.99
H4' GFL A 1 -13.31 -5.01 -9.09
H3' GFL A 1 -12.17 -2.91 -7.52
H2' GFL A 1 -9.99 -4.46 -6.92
H1' GFL A 1 -10.63 -6.22 -8.34
H8 GFL A 1 -8.68 -3.53 -10.29
HN1 GFL A 1 -5.94 -9.34 -10.09
HN21 GFL A 1 -8.70 -10.05 -8.10
HN22 GFL A 1 -7.16 -10.67 -8.75
HO5' GFL A 1 -11.11 -2.47 -10.24
P CFL A 2 -12.68 -4.53 -5.22
O1P CFL A 2 -13.99 -4.97 -4.69
O2P CFL A 2 -12.22 -3.15 -4.98
O5' CFL A 2 -11.56 -5.59 -4.74
C5' CFL A 2 -11.85 -6.97 -4.76
C4' CFL A 2 -10.64 -7.86 -4.44
O4' CFL A 2 -9.67 -7.87 -5.48
C3' CFL A 2 -9.95 -7.52 -3.11
O3' CFL A 2 -10.08 -8.59 -2.18
C2' CFL A 2 -8.52 -7.21 -3.53
C1' CFL A 2 -8.39 -7.95 -4.87
N1 CFL A 2 -7.35 -7.40 -5.80
C2 CFL A 2 -6.21 -8.15 -6.07
O2 CFL A 2 -6.04 -9.29 -5.63
N3 CFL A 2 -5.22 -7.64 -6.86
C4 CFL A 2 -5.37 -6.43 -7.38
N4 CFL A 2 -4.41 -5.99 -8.15
C5 CFL A 2 -6.54 -5.64 -7.17
C6 CFL A 2 -7.51 -6.16 -6.38
F CFL A 2 -8.36 -5.85 -3.72
H5'1 CFL A 2 -12.62 -7.17 -4.02
H5'2 CFL A 2 -12.23 -7.25 -5.74
H4' CFL A 2 -11.02 -8.88 -4.36
H3' CFL A 2 -10.38 -6.61 -2.69
H2' CFL A 2 -7.77 -7.57 -2.83
H1' CFL A 2 -8.13 -8.99 -4.65
HN41 CFL A 2 -3.61 -6.61 -8.33
HN42 CFL A 2 -4.48 -5.09 -8.59
H5 CFL A 2 -6.69 -4.67 -7.62
H6 CFL A 2 -8.42 -5.61 -6.19
P TAF A 3 -9.66 -8.45 -0.62
OP1 TAF A 3 -10.37 -9.49 0.15
OP2 TAF A 3 -9.79 -7.03 -0.24
O5' TAF A 3 -8.10 -8.83 -0.69
N1 TAF A 3 -3.96 -8.09 -2.93
C6 TAF A 3 -4.68 -6.93 -2.97
C2 TAF A 3 -2.76 -8.21 -3.64
O2 TAF A 3 -2.00 -9.17 -3.55
N3 TAF A 3 -2.42 -7.15 -4.45
C4 TAF A 3 -3.10 -5.97 -4.57
O4 TAF A 3 -2.64 -5.11 -5.32
C5 TAF A 3 -4.31 -5.87 -3.75
C5M TAF A 3 -5.13 -4.60 -3.74
F2' TAF A 3 -4.46 -7.72 -0.25
C2' TAF A 3 -4.25 -9.04 -0.60
C5' TAF A 3 -7.72 -10.16 -1.02
C4' TAF A 3 -6.21 -10.31 -1.22
O4' TAF A 3 -5.75 -9.55 -2.34
C1' TAF A 3 -4.39 -9.25 -2.10
C3' TAF A 3 -5.37 -9.90 -0.01
O3' TAF A 3 -4.93 -11.04 0.71
H6 TAF A 3 -5.55 -6.87 -2.33
H3 TAF A 3 -1.55 -7.24 -4.96
H71 TAF A 3 -4.99 -4.05 -4.67
H72 TAF A 3 -4.82 -3.97 -2.90
H73 TAF A 3 -6.19 -4.83 -3.63
H2' TAF A 3 -3.26 -9.34 -0.29
H5' TAF A 3 -8.22 -10.47 -1.93
H5'' TAF A 3 -8.03 -10.82 -0.22
H4' TAF A 3 -6.04 -11.37 -1.42
H1' TAF A 3 -3.75 -10.10 -2.37
H3' TAF A 3 -5.98 -9.26 0.64
F A5L A 4 -1.04 -8.00 2.02
P A5L A 4 -4.31 -10.93 2.20
N1 A5L A 4 1.72 -5.74 -3.61
C2 A5L A 4 2.30 -6.82 -3.08
N3 A5L A 4 1.83 -7.60 -2.11
C4 A5L A 4 0.61 -7.18 -1.67
C5 A5L A 4 -0.11 -6.12 -2.14
C6 A5L A 4 0.52 -5.38 -3.17
N6 A5L A 4 0.01 -4.30 -3.74
N7 A5L A 4 -1.32 -5.99 -1.46
C8 A5L A 4 -1.27 -6.97 -0.60
N9 A5L A 4 -0.13 -7.73 -0.64
C1' A5L A 4 0.32 -8.85 0.23
C2' A5L A 4 0.15 -8.65 1.75
C3' A5L A 4 0.12 -10.10 2.24
O3' A5L A 4 1.40 -10.64 2.58
C4' A5L A 4 -0.48 -10.87 1.06
O4' A5L A 4 -0.42 -10.03 -0.10
C5' A5L A 4 -1.88 -11.42 1.30
O5' A5L A 4 -2.78 -10.49 1.88
OP1 A5L A 4 -4.28 -12.28 2.80
OP2 A5L A 4 -4.98 -9.81 2.89
H2 A5L A 4 3.24 -7.08 -3.53
H8 A5L A 4 -2.06 -7.16 0.11
HN6 A5L A 4 0.55 -3.87 -4.50
HN6A A5L A 4 -0.91 -4.01 -3.50
H5' A5L A 4 -1.80 -12.28 1.97
H5'A A5L A 4 -2.29 -11.78 0.36
H1' A5L A 4 1.39 -8.96 0.04
H2' A5L A 4 0.97 -8.07 2.15
H3' A5L A 4 -0.54 -10.15 3.10
H4' A5L A 4 0.14 -11.75 0.87
P TAF A 5 2.25 -10.13 3.86
OP1 TAF A 5 3.12 -11.23 4.32
OP2 TAF A 5 1.34 -9.44 4.78
O5' TAF A 5 3.17 -9.02 3.14
N1 TAF A 5 2.98 -5.30 0.11
C6 TAF A 5 1.83 -5.22 0.87
C2 TAF A 5 3.22 -4.39 -0.92
O2 TAF A 5 4.25 -4.36 -1.58
N3 TAF A 5 2.23 -3.47 -1.17
C4 TAF A 5 1.07 -3.30 -0.46
O4 TAF A 5 0.32 -2.38 -0.80
C5 TAF A 5 0.89 -4.27 0.63
C5M TAF A 5 -0.34 -4.22 1.52
F2' TAF A 5 4.25 -5.21 2.51
C2' TAF A 5 4.96 -5.89 1.55
C5' TAF A 5 4.14 -9.43 2.18
C4' TAF A 5 4.64 -8.27 1.32
O4' TAF A 5 3.56 -7.59 0.70
C1' TAF A 5 4.06 -6.29 0.38
C3' TAF A 5 5.45 -7.23 2.10
O3' TAF A 5 6.86 -7.43 1.92
H6 TAF A 5 1.71 -5.92 1.68
H3 TAF A 5 2.45 -2.80 -1.90
H71 TAF A 5 -0.13 -3.61 2.39
H72 TAF A 5 -0.62 -5.22 1.84
H73 TAF A 5 -1.18 -3.79 0.97
H2' TAF A 5 5.77 -5.26 1.16
H5' TAF A 5 3.72 -10.18 1.52
H5'' TAF A 5 4.99 -9.88 2.70
H4' TAF A 5 5.27 -8.70 0.54
H1' TAF A 5 4.69 -6.35 -0.52
H3' TAF A 5 5.18 -7.27 3.15
F A5L A 6 6.65 -1.75 3.23
P A5L A 6 7.94 -6.78 2.93
N1 A5L A 6 3.40 1.45 -1.25
C2 A5L A 6 4.72 1.46 -1.31
N3 A5L A 6 5.57 0.63 -0.71
C4 A5L A 6 4.91 -0.30 0.05
C5 A5L A 6 3.56 -0.43 0.21
C6 A5L A 6 2.79 0.52 -0.49
N6 A5L A 6 1.46 0.57 -0.51
N7 A5L A 6 3.26 -1.50 1.06
C8 A5L A 6 4.44 -1.99 1.35
N9 A5L A 6 5.48 -1.30 0.78
C1' A5L A 6 6.93 -1.62 0.87
C2' A5L A 6 7.56 -1.40 2.26
C3' A5L A 6 8.74 -2.38 2.25
O3' A5L A 6 10.04 -1.80 2.09
C4' A5L A 6 8.44 -3.30 1.05
O4' A5L A 6 7.14 -2.99 0.58
C5' A5L A 6 8.64 -4.78 1.35
O5' A5L A 6 7.93 -5.23 2.49
OP1 A5L A 6 9.27 -7.34 2.59
OP2 A5L A 6 7.41 -6.89 4.31
H2 A5L A 6 5.16 2.24 -1.93
H8 A5L A 6 4.61 -2.84 1.99
HN6 A5L A 6 0.99 1.27 -1.08
HN6A A5L A 6 0.96 -0.20 -0.09
H5' A5L A 6 9.70 -4.96 1.52
H5'A A5L A 6 8.33 -5.36 0.48
H1' A5L A 6 7.44 -0.97 0.16
H2' A5L A 6 7.87 -0.37 2.38
H3' A5L A 6 8.69 -2.96 3.17
H4' A5L A 6 9.14 -3.03 0.25
F A5L A 7 8.02 2.96 3.98
P A5L A 7 10.76 -0.92 3.24
N1 A5L A 7 2.83 4.53 0.15
C2 A5L A 7 4.02 4.92 -0.27
N3 A5L A 7 5.22 4.56 0.18
C4 A5L A 7 5.13 3.62 1.16
C5 A5L A 7 3.98 3.09 1.68
C6 A5L A 7 2.80 3.60 1.12
N6 A5L A 7 1.57 3.25 1.49
N7 A5L A 7 4.28 2.14 2.67
C8 A5L A 7 5.59 2.16 2.71
N9 A5L A 7 6.18 3.04 1.84
C1' A5L A 7 7.62 3.32 1.66
C2' A5L A 7 8.39 3.75 2.91
C3' A5L A 7 9.83 3.48 2.48
O3' A5L A 7 10.53 4.61 1.94
C4' A5L A 7 9.68 2.42 1.38
O4' A5L A 7 8.30 2.18 1.17
C5' A5L A 7 10.48 1.14 1.65
O5' A5L A 7 10.16 0.52 2.89
OP1 A5L A 7 12.21 -0.90 2.99
OP2 A5L A 7 10.22 -1.35 4.56
H2 A5L A 7 3.99 5.64 -1.07
H8 A5L A 7 6.20 1.58 3.36
HN6 A5L A 7 0.78 3.68 1.01
HN6A A5L A 7 1.46 2.58 2.23
H5' A5L A 7 11.54 1.38 1.64
H5'A A5L A 7 10.28 0.44 0.84
H1' A5L A 7 7.65 4.15 0.96
H2' A5L A 7 8.20 4.79 3.15
H3' A5L A 7 10.37 3.09 3.33
H4' A5L A 7 10.07 2.84 0.45
P TAF A 8 10.91 5.92 2.81
OP1 TAF A 8 12.09 6.56 2.21
OP2 TAF A 8 10.89 5.53 4.23
O5' TAF A 8 9.62 6.84 2.51
N1 TAF A 8 4.86 7.12 2.42
C6 TAF A 8 5.22 6.27 3.44
C2 TAF A 8 3.52 7.34 2.11
O2 TAF A 8 3.15 8.17 1.28
N3 TAF A 8 2.60 6.60 2.79
C4 TAF A 8 2.86 5.69 3.80
O4 TAF A 8 1.91 5.10 4.30
C5 TAF A 8 4.27 5.56 4.13
C5M TAF A 8 4.72 4.67 5.27
F2' TAF A 8 6.31 8.93 3.85
C2' TAF A 8 6.41 9.12 2.49
C5' TAF A 8 9.41 7.36 1.21
C4' TAF A 8 8.06 8.07 1.09
O4' TAF A 8 7.02 7.15 1.36
C1' TAF A 8 5.88 7.92 1.68
C3' TAF A 8 7.88 9.21 2.10
O3' TAF A 8 8.23 10.48 1.54
H6 TAF A 8 6.26 6.20 3.70
H3 TAF A 8 1.62 6.81 2.59
H71 TAF A 8 4.51 3.62 5.01
H72 TAF A 8 4.17 4.92 6.18
H73 TAF A 8 5.79 4.77 5.46
H2' TAF A 8 5.83 9.98 2.19
H5' TAF A 8 9.42 6.54 0.48
H5'' TAF A 8 10.20 8.06 0.96
H4' TAF A 8 7.93 8.46 0.08
H1' TAF A 8 5.44 8.31 0.76
H3' TAF A 8 8.48 9.01 2.99
P GFL A 9 8.35 11.83 2.45
O1P GFL A 9 8.99 12.88 1.64
O2P GFL A 9 8.91 11.44 3.77
O5' GFL A 9 6.80 12.22 2.65
C5' GFL A 9 6.04 12.65 1.53
C4' GFL A 9 4.55 12.91 1.80
O4' GFL A 9 3.79 11.74 2.08
C3' GFL A 9 4.25 13.91 2.92
O3' GFL A 9 3.37 14.91 2.39
C2' GFL A 9 3.65 13.04 4.03
C1' GFL A 9 2.91 12.03 3.17
N9 GFL A 9 2.44 10.83 3.91
C8 GFL A 9 3.17 9.87 4.54
N7 GFL A 9 2.45 8.99 5.19
C5 GFL A 9 1.14 9.42 4.99
C6 GFL A 9 -0.12 8.91 5.47
O6 GFL A 9 -0.37 7.94 6.18
N1 GFL A 9 -1.21 9.64 5.03
C2 GFL A 9 -1.12 10.75 4.24
N2 GFL A 9 -2.22 11.41 3.98
N3 GFL A 9 0.03 11.26 3.80
C4 GFL A 9 1.13 10.54 4.20
F GFL A 9 4.60 12.41 4.80
H5'1 GFL A 9 6.48 13.58 1.17
H5'2 GFL A 9 6.11 11.91 0.73
H4' GFL A 9 4.19 13.33 0.85
H3' GFL A 9 5.16 14.37 3.29
H2' GFL A 9 2.96 13.58 4.68
H1' GFL A 9 1.98 12.48 2.86
H8 GFL A 9 4.24 9.92 4.46
HN1 GFL A 9 -2.13 9.35 5.36
HN21 GFL A 9 -2.06 12.32 3.57
HN22 GFL A 9 -3.13 11.12 4.35
P GFL A 10 2.74 16.10 3.28
O1P GFL A 10 2.51 17.27 2.41
O2P GFL A 10 3.52 16.22 4.53
O5' GFL A 10 1.30 15.45 3.62
C5' GFL A 10 0.34 15.26 2.59
C4' GFL A 10 -1.11 15.41 3.06
O4' GFL A 10 -1.55 14.28 3.81
C3' GFL A 10 -1.40 16.67 3.90
O3' GFL A 10 -2.62 17.33 3.51
C2' GFL A 10 -1.43 16.15 5.34
C1' GFL A 10 -1.92 14.72 5.11
N9 GFL A 10 -1.46 13.74 6.11
C8 GFL A 10 -0.19 13.28 6.35
N7 GFL A 10 -0.13 12.28 7.20
C5 GFL A 10 -1.47 12.07 7.55
C6 GFL A 10 -2.10 11.10 8.42
O6 GFL A 10 -1.62 10.18 9.06
N1 GFL A 10 -3.47 11.27 8.50
C2 GFL A 10 -4.18 12.21 7.81
N2 GFL A 10 -5.48 12.24 7.99
N3 GFL A 10 -3.64 13.11 7.00
C4 GFL A 10 -2.28 12.98 6.91
F GFL A 10 -0.17 16.16 5.92
H5'1 GFL A 10 0.50 15.99 1.81
H5'2 GFL A 10 0.48 14.27 2.16
H4' GFL A 10 -1.72 15.45 2.16
H3' GFL A 10 -0.57 17.36 3.81
HO3' GFL A 10 -3.36 16.72 3.45
H2' GFL A 10 -2.13 16.71 5.96
H1' GFL A 10 -3.01 14.74 5.19
H8 GFL A 10 0.66 13.71 5.85
HN1 GFL A 10 -3.96 10.60 9.09
HN21 GFL A 10 -5.97 12.97 7.50
HN22 GFL A 10 -5.93 11.64 8.68
O5' GFL A 1 -14.26 -4.71 -10.99
C5' GFL A 1 -13.16 -5.56 -11.28
C4' GFL A 1 -12.90 -6.61 -10.20
O4' GFL A 1 -11.75 -7.36 -10.58
C3' GFL A 1 -12.67 -6.06 -8.79
O3' GFL A 1 -13.30 -6.91 -7.82
C2' GFL A 1 -11.15 -5.96 -8.74
C1' GFL A 1 -10.80 -7.23 -9.53
N9 GFL A 1 -9.43 -7.26 -10.08
C8 GFL A 1 -8.82 -6.33 -10.88
N7 GFL A 1 -7.64 -6.66 -11.30
C5 GFL A 1 -7.42 -7.90 -10.72
C6 GFL A 1 -6.30 -8.80 -10.78
O6 GFL A 1 -5.26 -8.69 -11.42
N1 GFL A 1 -6.44 -9.91 -9.98
C2 GFL A 1 -7.54 -10.16 -9.21
N2 GFL A 1 -7.50 -11.21 -8.43
N3 GFL A 1 -8.62 -9.39 -9.17
C4 GFL A 1 -8.50 -8.26 -9.94
F GFL A 1 -10.71 -4.83 -9.38
H5'1 GFL A 1 -13.33 -6.06 -12.23
H5'2 GFL A 1 -12.26 -4.94 -11.38
H4' GFL A 1 -13.72 -7.33 -10.16
H3' GFL A 1 -13.07 -5.06 -8.69
H2' GFL A 1 -10.72 -6.01 -7.74
H1' GFL A 1 -10.91 -8.05 -8.82
H8 GFL A 1 -9.32 -5.41 -11.14
HN1 GFL A 1 -5.65 -10.55 -9.94
HN21 GFL A 1 -8.28 -11.32 -7.81
HN22 GFL A 1 -6.67 -11.83 -8.40
HO5' GFL A 1 -15.09 -5.20 -11.01
P CFL A 2 -13.38 -6.52 -6.25
O1P CFL A 2 -14.57 -7.20 -5.68
O2P CFL A 2 -13.23 -5.06 -6.12
O5' CFL A 2 -12.07 -7.25 -5.67
C5' CFL A 2 -11.99 -8.66 -5.62
C4' CFL A 2 -10.69 -9.20 -5.02
O4' CFL A 2 -9.60 -9.12 -5.93
C3' CFL A 2 -10.26 -8.52 -3.71
O3' CFL A 2 -10.00 -9.49 -2.70
C2' CFL A 2 -9.01 -7.73 -4.09
C1' CFL A 2 -8.48 -8.66 -5.18
N1 CFL A 2 -7.46 -8.06 -6.10
C2 CFL A 2 -6.18 -8.61 -6.13
O2 CFL A 2 -5.86 -9.54 -5.40
N3 CFL A 2 -5.23 -8.12 -6.97
C4 CFL A 2 -5.54 -7.10 -7.76
N4 CFL A 2 -4.61 -6.70 -8.58
C5 CFL A 2 -6.84 -6.50 -7.78
C6 CFL A 2 -7.78 -7.03 -6.95
F CFL A 2 -9.27 -6.47 -4.60
H5'1 CFL A 2 -12.83 -9.03 -5.01
H5'2 CFL A 2 -12.10 -9.07 -6.63
H4' CFL A 2 -10.85 -10.26 -4.81
H3' CFL A 2 -11.04 -7.82 -3.38
H2' CFL A 2 -8.30 -7.65 -3.27
H1' CFL A 2 -8.00 -9.49 -4.65
HN41 CFL A 2 -3.72 -7.22 -8.60
HN42 CFL A 2 -4.80 -5.95 -9.23
H5 CFL A 2 -7.10 -5.69 -8.44
H6 CFL A 2 -8.80 -6.64 -6.95
P TAF A 3 -10.23 -9.15 -1.13
OP1 TAF A 3 -9.97 -10.38 -0.35
OP2 TAF A 3 -11.53 -8.47 -1.02
O5' TAF A 3 -9.06 -8.08 -0.82
N1 TAF A 3 -4.58 -7.98 -2.77
C6 TAF A 3 -5.33 -6.84 -2.97
C2 TAF A 3 -3.38 -8.19 -3.46
O2 TAF A 3 -2.63 -9.13 -3.23
N3 TAF A 3 -3.05 -7.26 -4.41
C4 TAF A 3 -3.77 -6.12 -4.71
O4 TAF A 3 -3.35 -5.38 -5.60
C5 TAF A 3 -4.98 -5.93 -3.90
C5M TAF A 3 -5.88 -4.73 -4.11
F2' TAF A 3 -4.96 -7.37 -0.09
C2' TAF A 3 -4.74 -8.70 -0.37
C5' TAF A 3 -7.94 -8.40 -0.02
C4' TAF A 3 -6.99 -9.47 -0.59
O4' TAF A 3 -6.49 -9.14 -1.89
C1' TAF A 3 -5.07 -9.02 -1.83
C3' TAF A 3 -5.76 -9.61 0.31
O3' TAF A 3 -5.33 -10.97 0.38
H6 TAF A 3 -6.20 -6.71 -2.34
H3 TAF A 3 -2.16 -7.40 -4.90
H71 TAF A 3 -6.72 -5.00 -4.75
H72 TAF A 3 -6.29 -4.40 -3.17
H73 TAF A 3 -5.31 -3.89 -4.54
H2' TAF A 3 -3.71 -8.95 -0.14
H5' TAF A 3 -8.31 -8.76 0.95
H5'' TAF A 3 -7.39 -7.47 0.16
H4' TAF A 3 -7.50 -10.42 -0.64
H1' TAF A 3 -4.58 -9.96 -2.07
H3' TAF A 3 -5.97 -9.23 1.31
F A5L A 4 -1.91 -7.92 1.79
P A5L A 4 -4.63 -11.55 1.71
N1 A5L A 4 1.18 -5.56 -3.79
C2 A5L A 4 1.74 -6.61 -3.21
N3 A5L A 4 1.26 -7.33 -2.22
C4 A5L A 4 0.03 -6.89 -1.81
C5 A5L A 4 -0.67 -5.84 -2.32
C6 A5L A 4 -0.02 -5.16 -3.38
N6 A5L A 4 -0.49 -4.08 -3.98
N7 A5L A 4 -1.88 -5.67 -1.64
C8 A5L A 4 -1.84 -6.61 -0.74
N9 A5L A 4 -0.71 -7.40 -0.77
C1' A5L A 4 -0.27 -8.49 0.14
C2' A5L A 4 -0.61 -8.37 1.63
C3' A5L A 4 -0.50 -9.83 2.10
O3' A5L A 4 0.78 -10.23 2.60
C4' A5L A 4 -0.84 -10.62 0.83
O4' A5L A 4 -0.80 -9.73 -0.28
C5' A5L A 4 -2.13 -11.44 0.89
O5' A5L A 4 -3.19 -10.83 1.60
OP1 A5L A 4 -4.44 -13.01 1.56
OP2 A5L A 4 -5.33 -10.99 2.88
H2 A5L A 4 2.70 -6.90 -3.62
H8 A5L A 4 -2.64 -6.74 -0.03
HN6 A5L A 4 0.05 -3.70 -4.76
HN6A A5L A 4 -1.37 -3.70 -3.70
H5' A5L A 4 -1.90 -12.40 1.38
H5'A A5L A 4 -2.46 -11.66 -0.12
H1' A5L A 4 0.83 -8.45 0.08
H2' A5L A 4 0.07 -7.69 2.14
H3' A5L A 4 -1.25 -9.98 2.87
H4' A5L A 4 -0.06 -11.38 0.69
P TAF A 5 1.50 -9.54 3.87
OP1 TAF A 5 2.34 -10.55 4.54
OP2 TAF A 5 0.48 -8.77 4.62
O5' TAF A 5 2.44 -8.52 3.06
N1 TAF A 5 2.46 -5.01 -0.17
C6 TAF A 5 1.32 -4.87 0.58
C2 TAF A 5 2.77 -4.09 -1.19
O2 TAF A 5 3.84 -4.09 -1.79
N3 TAF A 5 1.81 -3.17 -1.49
C4 TAF A 5 0.64 -2.96 -0.80
O4 TAF A 5 -0.11 -2.05 -1.19
C5 TAF A 5 0.42 -3.89 0.31
C5M TAF A 5 -0.78 -3.75 1.23
F2' TAF A 5 3.77 -4.79 2.20
C2' TAF A 5 4.43 -5.59 1.28
C5' TAF A 5 3.43 -9.03 2.18
C4' TAF A 5 3.99 -7.97 1.24
O4' TAF A 5 2.95 -7.28 0.56
C1' TAF A 5 3.50 -6.03 0.15
C3' TAF A 5 4.83 -6.90 1.95
O3' TAF A 5 6.23 -7.18 1.85
H6 TAF A 5 1.16 -5.55 1.42
H3 TAF A 5 2.05 -2.49 -2.20
H71 TAF A 5 -1.32 -4.70 1.28
H72 TAF A 5 -1.46 -2.99 0.87
H73 TAF A 5 -0.45 -3.47 2.23
H2' TAF A 5 5.27 -5.06 0.85
H5' TAF A 5 2.99 -9.81 1.56
H5'' TAF A 5 4.24 -9.47 2.76
H4' TAF A 5 4.62 -8.47 0.50
H1' TAF A 5 4.11 -6.18 -0.74
H3' TAF A 5 4.53 -6.85 3.00
F A5L A 6 6.25 -1.41 2.90
P A5L A 6 7.31 -6.51 2.85
N1 A5L A 6 3.18 1.94 -1.48
C2 A5L A 6 4.51 1.89 -1.50
N3 A5L A 6 5.31 1.01 -0.92
C4 A5L A 6 4.59 0.06 -0.23
C5 A5L A 6 3.23 -0.02 -0.11
C6 A5L A 6 2.52 0.98 -0.80
N6 A5L A 6 1.20 1.08 -0.86
N7 A5L A 6 2.86 -1.11 0.67
C8 A5L A 6 4.01 -1.66 0.99
N9 A5L A 6 5.10 -1.02 0.45
C1' A5L A 6 6.52 -1.41 0.54
C2' A5L A 6 7.18 -1.17 1.90
C3' A5L A 6 8.31 -2.21 1.93
O3' A5L A 6 9.63 -1.71 1.76
C4' A5L A 6 7.95 -3.16 0.78
O4' A5L A 6 6.66 -2.80 0.30
C5' A5L A 6 8.07 -4.65 1.12
O5' A5L A 6 7.36 -4.99 2.31
OP1 A5L A 6 8.63 -7.13 2.60
OP2 A5L A 6 6.73 -6.50 4.21
H2 A5L A 6 4.99 2.71 -2.03
H8 A5L A 6 4.13 -2.53 1.59
HN6 A5L A 6 0.78 1.83 -1.42
HN6A A5L A 6 0.65 0.33 -0.48
H5' A5L A 6 9.12 -4.90 1.26
H5'A A5L A 6 7.68 -5.24 0.29
H1' A5L A 6 7.07 -0.82 -0.20
H2' A5L A 6 7.55 -0.15 1.96
H3' A5L A 6 8.23 -2.75 2.88
H4' A5L A 6 8.65 -2.96 -0.04
F A5L A 7 7.81 3.27 3.67
P A5L A 7 10.37 -0.81 2.90
N1 A5L A 7 2.68 5.04 -0.04
C2 A5L A 7 3.89 5.42 -0.46
N3 A5L A 7 5.07 5.01 -0.05
C4 A5L A 7 4.97 4.03 0.90
C5 A5L A 7 3.81 3.51 1.42
C6 A5L A 7 2.62 4.09 0.90
N6 A5L A 7 1.40 3.77 1.28
N7 A5L A 7 4.09 2.52 2.36
C8 A5L A 7 5.39 2.49 2.37
N9 A5L A 7 5.99 3.39 1.54
C1' A5L A 7 7.45 3.61 1.34
C2' A5L A 7 8.25 4.00 2.59
C3' A5L A 7 9.68 3.61 2.18
O3' A5L A 7 10.50 4.67 1.72
C4' A5L A 7 9.46 2.59 1.06
O4' A5L A 7 8.07 2.43 0.85
C5' A5L A 7 10.17 1.24 1.28
O5' A5L A 7 9.83 0.65 2.54
OP1 A5L A 7 11.83 -0.85 2.66
OP2 A5L A 7 9.82 -1.19 4.22
H2 A5L A 7 3.87 6.16 -1.25
H8 A5L A 7 6.00 1.86 2.99
HN6 A5L A 7 0.62 4.24 0.84
HN6A A5L A 7 1.30 3.09 2.01
H5' A5L A 7 11.24 1.39 1.23
H5'A A5L A 7 9.86 0.57 0.48
H1' A5L A 7 7.52 4.43 0.64
H2' A5L A 7 8.15 5.06 2.79
H3' A5L A 7 10.14 3.12 3.05
H4' A5L A 7 9.87 3.01 0.14
P TAF A 8 10.97 5.90 2.67
OP1 TAF A 8 12.21 6.48 2.11
OP2 TAF A 8 10.94 5.42 4.07
O5' TAF A 8 9.76 6.93 2.46
N1 TAF A 8 4.94 7.31 2.46
C6 TAF A 8 5.22 6.38 3.44
C2 TAF A 8 3.62 7.61 2.12
O2 TAF A 8 3.31 8.45 1.29
N3 TAF A 8 2.64 6.90 2.76
C4 TAF A 8 2.83 5.94 3.73
O4 TAF A 8 1.85 5.35 4.19
C5 TAF A 8 4.23 5.69 4.07
C5M TAF A 8 4.60 4.69 5.15
F2' TAF A 8 6.75 8.70 4.01
C2' TAF A 8 6.63 9.15 2.71
C5' TAF A 8 9.53 7.49 1.18
C4' TAF A 8 8.16 8.19 1.10
O4' TAF A 8 7.11 7.28 1.37
C1' TAF A 8 6.02 8.08 1.80
C3' TAF A 8 8.01 9.36 2.09
O3' TAF A 8 8.09 10.63 1.44
H6 TAF A 8 6.25 6.23 3.72
H3 TAF A 8 1.68 7.15 2.55
H71 TAF A 8 4.04 4.90 6.06
H72 TAF A 8 5.67 4.74 5.37
H73 TAF A 8 4.37 3.68 4.81
H2' TAF A 8 6.02 10.04 2.66
H5' TAF A 8 9.55 6.72 0.41
H5'' TAF A 8 10.30 8.22 0.95
H4' TAF A 8 8.02 8.58 0.10
H1' TAF A 8 5.59 8.61 0.94
H3' TAF A 8 8.76 9.26 2.88
P GFL A 9 8.56 11.95 2.26
O1P GFL A 9 8.09 13.14 1.53
O2P GFL A 9 10.00 11.79 2.59
O5' GFL A 9 7.73 11.83 3.63
C5' GFL A 9 7.02 12.91 4.22
C4' GFL A 9 5.68 13.25 3.52
O4' GFL A 9 4.88 12.09 3.36
C3' GFL A 9 4.88 14.25 4.35
O3' GFL A 9 4.20 15.22 3.53
C2' GFL A 9 3.90 13.35 5.10
C1' GFL A 9 3.64 12.30 4.04
N9 GFL A 9 3.09 11.04 4.59
C8 GFL A 9 3.76 9.97 5.09
N7 GFL A 9 2.99 9.02 5.55
C5 GFL A 9 1.69 9.50 5.33
C6 GFL A 9 0.39 8.97 5.63
O6 GFL A 9 0.07 7.90 6.16
N1 GFL A 9 -0.65 9.79 5.23
C2 GFL A 9 -0.47 11.00 4.62
N2 GFL A 9 -1.54 11.72 4.37
N3 GFL A 9 0.71 11.53 4.33
C4 GFL A 9 1.76 10.74 4.72
F GFL A 9 4.49 12.77 6.21
H5'1 GFL A 9 6.80 12.64 5.25
H5'2 GFL A 9 7.66 13.79 4.22
H4' GFL A 9 5.89 13.69 2.55
H3' GFL A 9 5.52 14.77 5.06
H2' GFL A 9 3.00 13.86 5.38
H1' GFL A 9 2.90 12.67 3.36
H8 GFL A 9 4.84 9.98 5.09
HN1 GFL A 9 -1.60 9.50 5.43
HN21 GFL A 9 -1.33 12.65 4.06
HN22 GFL A 9 -2.48 11.41 4.63
P GFL A 10 3.61 16.60 4.15
O1P GFL A 10 3.34 17.54 3.04
O2P GFL A 10 4.48 16.99 5.28
O5' GFL A 10 2.19 16.15 4.77
C5' GFL A 10 1.09 15.86 3.92
C4' GFL A 10 -0.27 15.82 4.64
O4' GFL A 10 -0.61 14.52 5.12
C3' GFL A 10 -0.47 16.80 5.81
O3' GFL A 10 -1.74 17.47 5.79
C2' GFL A 10 -0.31 15.90 7.04
C1' GFL A 10 -0.93 14.61 6.51
N9 GFL A 10 -0.56 13.36 7.23
C8 GFL A 10 0.67 12.84 7.49
N7 GFL A 10 0.65 11.67 8.06
C5 GFL A 10 -0.72 11.41 8.23
C6 GFL A 10 -1.41 10.30 8.81
O6 GFL A 10 -0.99 9.26 9.29
N1 GFL A 10 -2.78 10.50 8.85
C2 GFL A 10 -3.42 11.59 8.36
N2 GFL A 10 -4.73 11.64 8.52
N3 GFL A 10 -2.81 12.62 7.78
C4 GFL A 10 -1.46 12.47 7.75
F GFL A 10 1.01 15.70 7.40
H5'1 GFL A 10 1.03 16.63 3.16
H5'2 GFL A 10 1.25 14.91 3.44
H4' GFL A 10 -1.00 16.09 3.87
H3' GFL A 10 0.34 17.53 5.81
HO3' GFL A 10 -2.33 17.09 5.14
H2' GFL A 10 -0.88 16.29 7.90
H1' GFL A 10 -2.01 14.71 6.67
H8 GFL A 10 1.57 13.36 7.23
HN1 GFL A 10 -3.31 9.74 9.27
HN21 GFL A 10 -5.17 12.49 8.19
HN22 GFL A 10 -5.21 10.93 9.06
O5' GFL A 1 -12.55 -2.07 -9.67
C5' GFL A 1 -13.62 -2.99 -9.42
C4' GFL A 1 -13.17 -4.23 -8.64
O4' GFL A 1 -12.23 -4.99 -9.41
C3' GFL A 1 -12.53 -3.90 -7.29
O3' GFL A 1 -13.14 -4.74 -6.30
C2' GFL A 1 -11.05 -4.12 -7.59
C1' GFL A 1 -11.13 -5.28 -8.57
N9 GFL A 1 -9.90 -5.50 -9.38
C8 GFL A 1 -9.24 -4.59 -10.15
N7 GFL A 1 -8.17 -5.05 -10.75
C5 GFL A 1 -8.11 -6.37 -10.32
C6 GFL A 1 -7.14 -7.40 -10.59
O6 GFL A 1 -6.15 -7.35 -11.32
N1 GFL A 1 -7.36 -8.56 -9.89
C2 GFL A 1 -8.43 -8.76 -9.07
N2 GFL A 1 -8.47 -9.89 -8.41
N3 GFL A 1 -9.38 -7.85 -8.83
C4 GFL A 1 -9.16 -6.66 -9.48
F GFL A 1 -10.58 -2.99 -8.26
H5'1 GFL A 1 -14.41 -2.48 -8.86
H5'2 GFL A 1 -14.03 -3.31 -10.37
H4' GFL A 1 -14.04 -4.86 -8.47
H3' GFL A 1 -12.66 -2.86 -7.00
H2' GFL A 1 -10.41 -4.36 -6.74
H1' GFL A 1 -11.27 -6.18 -7.98
H8 GFL A 1 -9.57 -3.58 -10.24
HN1 GFL A 1 -6.64 -9.27 -9.97
HN21 GFL A 1 -9.23 -9.99 -7.76
HN22 GFL A 1 -7.70 -10.57 -8.47
HO5' GFL A 1 -11.72 -2.41 -9.27
P CFL A 2 -12.90 -4.54 -4.71
O1P CFL A 2 -14.09 -5.05 -4.00
O2P CFL A 2 -12.43 -3.16 -4.47
O5' CFL A 2 -11.69 -5.59 -4.48
C5' CFL A 2 -11.95 -6.98 -4.60
C4' CFL A 2 -10.69 -7.83 -4.40
O4' CFL A 2 -9.79 -7.75 -5.50
C3' CFL A 2 -9.91 -7.51 -3.11
O3' CFL A 2 -10.05 -8.57 -2.18
C2' CFL A 2 -8.48 -7.24 -3.60
C1' CFL A 2 -8.48 -7.90 -4.99
N1 CFL A 2 -7.51 -7.28 -5.94
C2 CFL A 2 -6.31 -7.94 -6.23
O2 CFL A 2 -6.04 -9.03 -5.72
N3 CFL A 2 -5.41 -7.41 -7.10
C4 CFL A 2 -5.69 -6.25 -7.67
N4 CFL A 2 -4.81 -5.79 -8.52
C5 CFL A 2 -6.89 -5.52 -7.42
C6 CFL A 2 -7.78 -6.08 -6.54
F CFL A 2 -8.25 -5.88 -3.72
H5'1 CFL A 2 -12.68 -7.27 -3.85
H5'2 CFL A 2 -12.35 -7.19 -5.58
H4' CFL A 2 -11.01 -8.87 -4.35
H3' CFL A 2 -10.30 -6.58 -2.68
H2' CFL A 2 -7.72 -7.69 -2.96
H1' CFL A 2 -8.22 -8.95 -4.84
HN41 CFL A 2 -3.97 -6.35 -8.68
HN42 CFL A 2 -4.99 -4.95 -9.03
H5 CFL A 2 -7.13 -4.59 -7.89
H6 CFL A 2 -8.72 -5.58 -6.31
P TAF A 3 -9.60 -8.42 -0.64
OP1 TAF A 3 -10.33 -9.44 0.16
OP2 TAF A 3 -9.67 -6.99 -0.27
O5' TAF A 3 -8.06 -8.87 -0.74
N1 TAF A 3 -3.83 -8.37 -2.84
C6 TAF A 3 -4.57 -7.22 -3.03
C2 TAF A 3 -2.61 -8.54 -3.50
O2 TAF A 3 -1.87 -9.52 -3.31
N3 TAF A 3 -2.24 -7.58 -4.40
C4 TAF A 3 -2.94 -6.41 -4.68
O4 TAF A 3 -2.49 -5.65 -5.51
C5 TAF A 3 -4.17 -6.25 -3.90
C5M TAF A 3 -5.00 -4.99 -4.03
F2' TAF A 3 -4.66 -7.79 -0.24
C2' TAF A 3 -4.33 -9.12 -0.45
C5' TAF A 3 -7.73 -10.21 -1.04
C4' TAF A 3 -6.23 -10.46 -1.15
O4' TAF A 3 -5.65 -9.81 -2.28
C1' TAF A 3 -4.31 -9.46 -1.94
C3' TAF A 3 -5.43 -10.04 0.09
O3' TAF A 3 -4.95 -11.19 0.79
H6 TAF A 3 -5.47 -7.11 -2.45
H3 TAF A 3 -1.35 -7.70 -4.87
H71 TAF A 3 -4.39 -4.18 -4.42
H72 TAF A 3 -5.38 -4.69 -3.05
H73 TAF A 3 -5.83 -5.17 -4.70
H2' TAF A 3 -3.36 -9.33 -0.02
H5' TAF A 3 -8.19 -10.49 -1.99
H5'' TAF A 3 -8.12 -10.86 -0.26
H4' TAF A 3 -6.09 -11.53 -1.29
H1' TAF A 3 -3.65 -10.31 -2.06
H3' TAF A 3 -6.07 -9.45 0.75
F A5L A 4 -1.22 -8.11 2.19
P A5L A 4 -4.39 -11.11 2.31
N1 A5L A 4 1.74 -5.93 -3.37
C2 A5L A 4 2.34 -6.94 -2.76
N3 A5L A 4 1.85 -7.72 -1.79
C4 A5L A 4 0.58 -7.35 -1.43
C5 A5L A 4 -0.16 -6.34 -1.98
C6 A5L A 4 0.50 -5.61 -3.01
N6 A5L A 4 -0.01 -4.57 -3.65
N7 A5L A 4 -1.41 -6.24 -1.38
C8 A5L A 4 -1.37 -7.18 -0.47
N9 A5L A 4 -0.19 -7.89 -0.43
C1' A5L A 4 0.24 -8.98 0.49
C2' A5L A 4 0.00 -8.74 1.99
C3' A5L A 4 -0.01 -10.17 2.54
O3' A5L A 4 1.25 -10.67 2.97
C4' A5L A 4 -0.53 -11.00 1.35
O4' A5L A 4 -0.44 -10.19 0.17
C5' A5L A 4 -1.92 -11.60 1.56
O5' A5L A 4 -2.87 -10.66 2.05
OP1 A5L A 4 -4.39 -12.47 2.88
OP2 A5L A 4 -5.09 -10.00 2.99
H2 A5L A 4 3.32 -7.19 -3.14
H8 A5L A 4 -2.18 -7.38 0.20
HN6 A5L A 4 0.54 -4.14 -4.38
HN6A A5L A 4 -0.96 -4.29 -3.44
H5' A5L A 4 -1.84 -12.41 2.28
H5'A A5L A 4 -2.27 -12.00 0.61
H1' A5L A 4 1.32 -9.05 0.36
H2' A5L A 4 0.79 -8.12 2.42
H3' A5L A 4 -0.73 -10.21 3.36
H4' A5L A 4 0.14 -11.86 1.22
P TAF A 5 2.01 -10.10 4.27
OP1 TAF A 5 2.93 -11.14 4.79
OP2 TAF A 5 1.00 -9.47 5.16
O5' TAF A 5 2.89 -8.95 3.58
N1 TAF A 5 2.65 -5.27 0.45
C6 TAF A 5 1.46 -5.22 1.14
C2 TAF A 5 2.91 -4.39 -0.60
O2 TAF A 5 3.97 -4.32 -1.19
N3 TAF A 5 1.89 -3.54 -0.95
C4 TAF A 5 0.67 -3.41 -0.31
O4 TAF A 5 -0.11 -2.56 -0.74
C5 TAF A 5 0.49 -4.33 0.82
C5M TAF A 5 -0.78 -4.28 1.65
F2' TAF A 5 3.74 -5.01 2.94
C2' TAF A 5 4.54 -5.70 2.05
C5' TAF A 5 3.92 -9.30 2.68
C4' TAF A 5 4.41 -8.11 1.86
O4' TAF A 5 3.33 -7.51 1.14
C1' TAF A 5 3.76 -6.19 0.83
C3' TAF A 5 5.02 -6.99 2.73
O3' TAF A 5 6.44 -7.12 2.78
H6 TAF A 5 1.33 -5.88 1.99
H3 TAF A 5 2.12 -2.88 -1.67
H71 TAF A 5 -1.29 -3.33 1.53
H72 TAF A 5 -0.54 -4.41 2.71
H73 TAF A 5 -1.46 -5.08 1.34
H2' TAF A 5 5.35 -5.08 1.72
H5' TAF A 5 3.54 -10.05 1.97
H5'' TAF A 5 4.76 -9.72 3.23
H4' TAF A 5 5.16 -8.48 1.16
H1' TAF A 5 4.46 -6.22 -0.01
H3' TAF A 5 4.59 -7.04 3.73
F A5L A 6 6.16 -1.36 3.45
P A5L A 6 7.34 -6.30 3.86
N1 A5L A 6 2.86 1.46 -1.05
C2 A5L A 6 4.18 1.51 -1.13
N3 A5L A 6 5.05 0.71 -0.51
C4 A5L A 6 4.42 -0.23 0.26
C5 A5L A 6 3.06 -0.39 0.43
C6 A5L A 6 2.27 0.54 -0.30
N6 A5L A 6 0.94 0.54 -0.33
N7 A5L A 6 2.78 -1.45 1.30
C8 A5L A 6 3.97 -1.90 1.60
N9 A5L A 6 5.00 -1.22 1.00
C1' A5L A 6 6.45 -1.51 1.10
C2' A5L A 6 7.08 -1.11 2.45
C3' A5L A 6 8.27 -2.08 2.56
O3' A5L A 6 9.56 -1.52 2.31
C4' A5L A 6 7.97 -3.16 1.51
O4' A5L A 6 6.69 -2.90 0.97
C5' A5L A 6 8.13 -4.58 2.03
O5' A5L A 6 7.37 -4.83 3.20
OP1 A5L A 6 8.70 -6.85 3.84
OP2 A5L A 6 6.57 -6.23 5.12
H2 A5L A 6 4.59 2.30 -1.74
H8 A5L A 6 4.16 -2.74 2.25
HN6 A5L A 6 0.46 1.18 -0.95
HN6A A5L A 6 0.46 -0.22 0.13
H5' A5L A 6 9.19 -4.75 2.26
H5'A A5L A 6 7.84 -5.28 1.24
H1' A5L A 6 6.96 -0.95 0.32
H2' A5L A 6 7.38 -0.07 2.44
H3' A5L A 6 8.24 -2.52 3.55
H4' A5L A 6 8.68 -3.03 0.69
F A5L A 7 7.79 3.56 3.35
P A5L A 7 10.25 -0.43 3.28
N1 A5L A 7 2.36 4.90 -0.15
C2 A5L A 7 3.54 5.21 -0.68
N3 A5L A 7 4.75 4.82 -0.29
C4 A5L A 7 4.69 4.00 0.78
C5 A5L A 7 3.56 3.57 1.43
C6 A5L A 7 2.36 4.07 0.89
N6 A5L A 7 1.15 3.83 1.37
N7 A5L A 7 3.90 2.71 2.48
C8 A5L A 7 5.20 2.66 2.41
N9 A5L A 7 5.76 3.41 1.42
C1' A5L A 7 7.19 3.54 1.05
C2' A5L A 7 8.10 4.13 2.13
C3' A5L A 7 9.47 3.71 1.62
O3' A5L A 7 10.14 4.70 0.82
C4' A5L A 7 9.19 2.47 0.78
O4' A5L A 7 7.78 2.28 0.73
C5' A5L A 7 9.94 1.23 1.26
O5' A5L A 7 9.67 0.91 2.63
OP1 A5L A 7 11.72 -0.47 3.07
OP2 A5L A 7 9.67 -0.59 4.63
H2 A5L A 7 3.49 5.85 -1.54
H8 A5L A 7 5.85 2.11 3.07
HN6 A5L A 7 0.34 4.27 0.91
HN6A A5L A 7 1.06 3.28 2.20
H5' A5L A 7 11.01 1.39 1.15
H5'A A5L A 7 9.65 0.38 0.63
H1' A5L A 7 7.21 4.22 0.21
H2' A5L A 7 7.98 5.21 2.19
H3' A5L A 7 10.09 3.44 2.48
H4' A5L A 7 9.51 2.66 -0.24
P TAF A 8 10.79 6.03 1.46
OP1 TAF A 8 11.86 6.51 0.57
OP2 TAF A 8 11.06 5.76 2.89
O5' TAF A 8 9.55 7.05 1.36
N1 TAF A 8 4.80 7.48 1.91
C6 TAF A 8 5.23 6.71 2.97
C2 TAF A 8 3.43 7.61 1.65
O2 TAF A 8 2.98 8.31 0.76
N3 TAF A 8 2.58 6.90 2.45
C4 TAF A 8 2.93 6.08 3.51
O4 TAF A 8 2.02 5.49 4.10
C5 TAF A 8 4.36 6.03 3.77
C5M TAF A 8 4.91 5.21 4.92
F2' TAF A 8 6.38 9.42 3.07
C2' TAF A 8 6.36 9.47 1.68
C5' TAF A 8 9.15 7.58 0.10
C4' TAF A 8 7.82 8.32 0.17
O4' TAF A 8 6.82 7.42 0.62
C1' TAF A 8 5.74 8.22 1.04
C3' TAF A 8 7.80 9.48 1.16
O3' TAF A 8 8.16 10.70 0.50
H6 TAF A 8 6.29 6.69 3.17
H3 TAF A 8 1.59 7.05 2.31
H71 TAF A 8 5.90 4.82 4.68
H72 TAF A 8 4.25 4.36 5.12
H73 TAF A 8 4.96 5.82 5.81
H2' TAF A 8 5.79 10.34 1.35
H5' TAF A 8 9.07 6.77 -0.61
H5'' TAF A 8 9.93 8.27 -0.24
H4' TAF A 8 7.54 8.67 -0.83
H1' TAF A 8 5.21 8.57 0.14
H3' TAF A 8 8.47 9.27 1.99
P GFL A 9 8.36 12.10 1.31
O1P GFL A 9 9.11 13.03 0.45
O2P GFL A 9 8.84 11.78 2.67
O5' GFL A 9 6.84 12.62 1.40
C5' GFL A 9 6.31 13.17 2.60
C4' GFL A 9 4.85 13.60 2.38
O4' GFL A 9 4.00 12.46 2.30
C3' GFL A 9 4.31 14.49 3.52
O3' GFL A 9 3.47 15.53 2.99
C2' GFL A 9 3.56 13.49 4.39
C1' GFL A 9 3.00 12.59 3.29
N9 GFL A 9 2.53 11.29 3.81
C8 GFL A 9 3.28 10.22 4.18
N7 GFL A 9 2.61 9.24 4.72
C5 GFL A 9 1.29 9.70 4.68
C6 GFL A 9 0.04 9.12 5.12
O6 GFL A 9 -0.18 8.04 5.68
N1 GFL A 9 -1.06 9.91 4.86
C2 GFL A 9 -1.00 11.12 4.27
N2 GFL A 9 -2.11 11.79 4.14
N3 GFL A 9 0.13 11.71 3.86
C4 GFL A 9 1.24 10.94 4.10
F GFL A 9 4.41 12.78 5.21
H5'1 GFL A 9 6.36 12.43 3.41
H5'2 GFL A 9 6.91 14.04 2.88
H4' GFL A 9 4.80 14.16 1.45
H3' GFL A 9 5.12 14.93 4.09
H2' GFL A 9 2.77 13.94 4.98
H1' GFL A 9 2.10 13.06 2.89
H8 GFL A 9 4.35 10.27 4.04
HN1 GFL A 9 -1.98 9.55 5.13
HN21 GFL A 9 -1.99 12.74 3.83
HN22 GFL A 9 -3.02 11.44 4.47
P GFL A 10 3.05 16.81 3.87
O1P GFL A 10 2.58 17.87 2.97
O2P GFL A 10 4.14 17.08 4.84
O5' GFL A 10 1.77 16.25 4.69
C5' GFL A 10 0.53 16.05 4.05
C4' GFL A 10 -0.63 15.77 5.01
O4' GFL A 10 -0.77 14.39 5.32
C3' GFL A 10 -0.59 16.55 6.33
O3' GFL A 10 -1.86 17.10 6.69
C2' GFL A 10 -0.14 15.47 7.34
C1' GFL A 10 -0.85 14.26 6.75
N9 GFL A 10 -0.39 12.93 7.21
C8 GFL A 10 0.88 12.41 7.34
N7 GFL A 10 0.91 11.20 7.82
C5 GFL A 10 -0.42 10.87 8.05
C6 GFL A 10 -1.07 9.70 8.58
O6 GFL A 10 -0.59 8.65 8.98
N1 GFL A 10 -2.44 9.82 8.65
C2 GFL A 10 -3.14 10.92 8.26
N2 GFL A 10 -4.44 10.89 8.39
N3 GFL A 10 -2.59 12.02 7.76
C4 GFL A 10 -1.22 11.94 7.68
F GFL A 10 1.23 15.29 7.37
H5'1 GFL A 10 0.28 16.94 3.48
H5'2 GFL A 10 0.63 15.21 3.35
H4' GFL A 10 -1.52 16.08 4.44
H3' GFL A 10 0.19 17.32 6.30
HO3' GFL A 10 -2.10 17.83 6.10
H2' GFL A 10 -0.50 15.69 8.35
H1' GFL A 10 -1.87 14.31 7.11
H8 GFL A 10 1.74 12.98 7.04
HN1 GFL A 10 -2.95 9.01 8.99
HN21 GFL A 10 -4.93 11.70 8.06
HN22 GFL A 10 -4.92 10.09 8.82
O5' GFL A 1 -13.27 -5.16 -12.78
C5' GFL A 1 -13.06 -4.51 -11.53
C4' GFL A 1 -12.82 -5.53 -10.41
O4' GFL A 1 -11.77 -6.40 -10.79
C3' GFL A 1 -12.48 -4.88 -9.07
O3' GFL A 1 -13.17 -5.56 -8.02
C2' GFL A 1 -10.96 -4.98 -9.06
C1' GFL A 1 -10.80 -6.35 -9.75
N9 GFL A 1 -9.45 -6.59 -10.31
C8 GFL A 1 -8.76 -5.83 -11.22
N7 GFL A 1 -7.62 -6.32 -11.61
C5 GFL A 1 -7.53 -7.52 -10.88
C6 GFL A 1 -6.50 -8.51 -10.84
O6 GFL A 1 -5.46 -8.58 -11.48
N1 GFL A 1 -6.75 -9.52 -9.94
C2 GFL A 1 -7.87 -9.59 -9.15
N2 GFL A 1 -7.93 -10.56 -8.27
N3 GFL A 1 -8.86 -8.70 -9.19
C4 GFL A 1 -8.63 -7.67 -10.07
F GFL A 1 -10.40 -3.98 -9.82
H5'1 GFL A 1 -12.18 -3.87 -11.61
H5'2 GFL A 1 -13.93 -3.90 -11.29
H4' GFL A 1 -13.71 -6.15 -10.28
H3' GFL A 1 -12.74 -3.83 -9.06
H2' GFL A 1 -10.50 -4.99 -8.08
H1' GFL A 1 -10.98 -7.09 -8.99
H8 GFL A 1 -9.16 -4.89 -11.58
HN1 GFL A 1 -6.03 -10.23 -9.83
HN21 GFL A 1 -8.72 -10.53 -7.66
HN22 GFL A 1 -7.17 -11.24 -8.16
HO5' GFL A 1 -12.57 -5.84 -12.87
P CFL A 2 -13.27 -4.97 -6.51
O1P CFL A 2 -14.51 -5.48 -5.90
O2P CFL A 2 -13.01 -3.51 -6.57
O5' CFL A 2 -12.04 -5.72 -5.80
C5' CFL A 2 -12.11 -7.12 -5.55
C4' CFL A 2 -10.81 -7.72 -5.02
O4' CFL A 2 -9.80 -7.81 -6.01
C3' CFL A 2 -10.22 -7.04 -3.78
O3' CFL A 2 -10.24 -7.95 -2.67
C2' CFL A 2 -8.83 -6.60 -4.24
C1' CFL A 2 -8.55 -7.60 -5.37
N1 CFL A 2 -7.53 -7.16 -6.37
C2 CFL A 2 -6.34 -7.88 -6.50
O2 CFL A 2 -6.10 -8.87 -5.81
N3 CFL A 2 -5.40 -7.51 -7.42
C4 CFL A 2 -5.63 -6.45 -8.18
N4 CFL A 2 -4.72 -6.18 -9.09
C5 CFL A 2 -6.85 -5.71 -8.12
C6 CFL A 2 -7.78 -6.09 -7.21
F CFL A 2 -8.84 -5.31 -4.73
H5'1 CFL A 2 -12.89 -7.29 -4.82
H5'2 CFL A 2 -12.38 -7.63 -6.47
H4' CFL A 2 -11.05 -8.75 -4.73
H3' CFL A 2 -10.79 -6.14 -3.54
H2' CFL A 2 -8.08 -6.68 -3.46
H1' CFL A 2 -8.19 -8.52 -4.89
HN41 CFL A 2 -3.88 -6.76 -9.12
HN42 CFL A 2 -4.90 -5.46 -9.75
H5 CFL A 2 -7.06 -4.88 -8.78
H6 CFL A 2 -8.72 -5.57 -7.13
P TAF A 3 -9.69 -7.56 -1.20
OP1 TAF A 3 -10.49 -8.28 -0.19
OP2 TAF A 3 -9.53 -6.09 -1.13
O5' TAF A 3 -8.22 -8.23 -1.27
N1 TAF A 3 -4.16 -8.09 -3.07
C6 TAF A 3 -4.93 -6.98 -3.30
C2 TAF A 3 -2.92 -8.26 -3.69
O2 TAF A 3 -2.16 -9.19 -3.45
N3 TAF A 3 -2.56 -7.29 -4.60
C4 TAF A 3 -3.29 -6.17 -4.93
O4 TAF A 3 -2.84 -5.41 -5.79
C5 TAF A 3 -4.53 -6.02 -4.19
C5M TAF A 3 -5.41 -4.80 -4.41
F2' TAF A 3 -5.08 -7.59 -0.49
C2' TAF A 3 -4.72 -8.89 -0.72
C5' TAF A 3 -8.10 -9.63 -1.39
C4' TAF A 3 -6.66 -10.12 -1.51
O4' TAF A 3 -6.00 -9.53 -2.63
C1' TAF A 3 -4.67 -9.20 -2.22
C3' TAF A 3 -5.78 -9.89 -0.27
O3' TAF A 3 -5.26 -11.15 0.16
H6 TAF A 3 -5.85 -6.89 -2.75
H3 TAF A 3 -1.67 -7.42 -5.07
H71 TAF A 3 -5.57 -4.66 -5.48
H72 TAF A 3 -4.89 -3.92 -4.02
H73 TAF A 3 -6.37 -4.91 -3.91
H2' TAF A 3 -3.75 -9.08 -0.26
H5' TAF A 3 -8.64 -9.95 -2.29
H5'' TAF A 3 -8.56 -10.11 -0.53
H4' TAF A 3 -6.69 -11.19 -1.70
H1' TAF A 3 -4.01 -10.07 -2.34
H3' TAF A 3 -6.39 -9.43 0.52
F A5L A 4 -1.87 -8.11 1.85
P A5L A 4 -4.70 -11.38 1.65
N1 A5L A 4 1.33 -5.54 -3.56
C2 A5L A 4 1.91 -6.57 -2.97
N3 A5L A 4 1.41 -7.34 -2.01
C4 A5L A 4 0.14 -6.97 -1.66
C5 A5L A 4 -0.58 -5.94 -2.18
C6 A5L A 4 0.09 -5.20 -3.20
N6 A5L A 4 -0.41 -4.16 -3.84
N7 A5L A 4 -1.83 -5.83 -1.57
C8 A5L A 4 -1.80 -6.80 -0.69
N9 A5L A 4 -0.64 -7.54 -0.67
C1' A5L A 4 -0.21 -8.66 0.20
C2' A5L A 4 -0.57 -8.56 1.69
C3' A5L A 4 -0.44 -10.03 2.11
O3' A5L A 4 0.86 -10.44 2.53
C4' A5L A 4 -0.83 -10.80 0.83
O4' A5L A 4 -0.76 -9.89 -0.26
C5' A5L A 4 -2.17 -11.53 0.91
O5' A5L A 4 -3.21 -10.78 1.52
OP1 A5L A 4 -4.59 -12.83 1.88
OP2 A5L A 4 -5.48 -10.53 2.56
H2 A5L A 4 2.90 -6.82 -3.33
H8 A5L A 4 -2.63 -7.01 -0.03
HN6 A5L A 4 0.17 -3.76 -4.59
HN6A A5L A 4 -1.34 -3.85 -3.64
H5' A5L A 4 -2.03 -12.44 1.48
H5'A A5L A 4 -2.48 -11.81 -0.10
H1' A5L A 4 0.88 -8.64 0.16
H2' A5L A 4 0.10 -7.89 2.22
H3' A5L A 4 -1.16 -10.23 2.91
H4' A5L A 4 -0.09 -11.59 0.66
P TAF A 5 1.59 -9.82 3.83
OP1 TAF A 5 2.59 -10.80 4.32
OP2 TAF A 5 0.55 -9.28 4.73
O5' TAF A 5 2.37 -8.61 3.13
N1 TAF A 5 2.27 -4.71 0.13
C6 TAF A 5 1.06 -4.66 0.80
C2 TAF A 5 2.53 -3.83 -0.92
O2 TAF A 5 3.60 -3.80 -1.52
N3 TAF A 5 1.53 -2.95 -1.25
C4 TAF A 5 0.33 -2.80 -0.62
O4 TAF A 5 -0.44 -1.92 -1.03
C5 TAF A 5 0.10 -3.75 0.47
C5M TAF A 5 -1.19 -3.73 1.26
F2' TAF A 5 3.30 -4.53 2.66
C2' TAF A 5 4.10 -5.26 1.79
C5' TAF A 5 3.40 -8.88 2.20
C4' TAF A 5 3.92 -7.63 1.48
O4' TAF A 5 2.88 -6.98 0.76
C1' TAF A 5 3.35 -5.66 0.51
C3' TAF A 5 4.50 -6.58 2.43
O3' TAF A 5 5.90 -6.76 2.57
H6 TAF A 5 0.91 -5.34 1.63
H3 TAF A 5 1.76 -2.28 -1.98
H71 TAF A 5 -1.16 -2.92 1.99
H72 TAF A 5 -1.36 -4.68 1.76
H73 TAF A 5 -2.04 -3.56 0.57
H2' TAF A 5 4.95 -4.66 1.50
H5' TAF A 5 3.04 -9.57 1.45
H5'' TAF A 5 4.24 -9.35 2.72
H4' TAF A 5 4.70 -7.96 0.79
H1' TAF A 5 4.07 -5.68 -0.30
H3' TAF A 5 4.00 -6.66 3.40
F A5L A 6 6.23 -0.69 3.01
P A5L A 6 6.77 -5.99 3.71
N1 A5L A 6 3.12 2.01 -1.46
C2 A5L A 6 4.45 1.92 -1.51
N3 A5L A 6 5.21 1.03 -0.90
C4 A5L A 6 4.49 0.17 -0.13
C5 A5L A 6 3.12 0.15 0.03
C6 A5L A 6 2.44 1.15 -0.71
N6 A5L A 6 1.12 1.31 -0.73
N7 A5L A 6 2.73 -0.88 0.89
C8 A5L A 6 3.87 -1.45 1.20
N9 A5L A 6 4.97 -0.88 0.62
C1' A5L A 6 6.38 -1.30 0.71
C2' A5L A 6 7.12 -0.81 1.96
C3' A5L A 6 8.13 -1.91 2.25
O3' A5L A 6 9.51 -1.53 2.05
C4' A5L A 6 7.76 -3.02 1.27
O4' A5L A 6 6.48 -2.71 0.75
C5' A5L A 6 7.81 -4.42 1.89
O5' A5L A 6 6.97 -4.55 3.02
OP1 A5L A 6 8.08 -6.66 3.82
OP2 A5L A 6 5.90 -5.83 4.90
H2 A5L A 6 4.94 2.67 -2.13
H8 A5L A 6 3.95 -2.31 1.85
HN6 A5L A 6 0.71 2.03 -1.32
HN6A A5L A 6 0.55 0.65 -0.23
H5' A5L A 6 8.84 -4.64 2.17
H5'A A5L A 6 7.51 -5.14 1.13
H1' A5L A 6 6.90 -0.90 -0.16
H2' A5L A 6 7.60 0.13 1.73
H3' A5L A 6 7.98 -2.26 3.27
H4' A5L A 6 8.46 -2.99 0.43
F A5L A 7 8.28 3.40 3.46
P A5L A 7 10.30 -0.56 3.07
N1 A5L A 7 2.89 5.08 -0.03
C2 A5L A 7 4.06 5.46 -0.52
N3 A5L A 7 5.27 5.06 -0.15
C4 A5L A 7 5.21 4.13 0.85
C5 A5L A 7 4.08 3.64 1.45
C6 A5L A 7 2.87 4.17 0.95
N6 A5L A 7 1.67 3.88 1.40
N7 A5L A 7 4.40 2.70 2.43
C8 A5L A 7 5.71 2.67 2.39
N9 A5L A 7 6.27 3.51 1.46
C1' A5L A 7 7.70 3.74 1.16
C2' A5L A 7 8.58 4.15 2.35
C3' A5L A 7 9.96 3.81 1.77
O3' A5L A 7 10.59 4.90 1.06
C4' A5L A 7 9.69 2.66 0.80
O4' A5L A 7 8.28 2.56 0.62
C5' A5L A 7 10.29 1.31 1.23
O5' A5L A 7 9.88 0.89 2.52
OP1 A5L A 7 11.76 -0.74 2.84
OP2 A5L A 7 9.74 -0.74 4.42
H2 A5L A 7 4.02 6.17 -1.33
H8 A5L A 7 6.34 2.08 3.02
HN6 A5L A 7 0.86 4.32 0.95
HN6A A5L A 7 1.59 3.26 2.19
H5' A5L A 7 11.38 1.40 1.22
H5'A A5L A 7 10.00 0.56 0.49
H1' A5L A 7 7.72 4.56 0.45
H2' A5L A 7 8.45 5.21 2.57
H3' A5L A 7 10.60 3.48 2.60
H4' A5L A 7 10.12 2.91 -0.16
P TAF A 8 11.19 6.19 1.81
OP1 TAF A 8 12.23 6.78 0.94
OP2 TAF A 8 11.51 5.80 3.20
O5' TAF A 8 9.93 7.18 1.82
N1 TAF A 8 5.10 7.47 2.34
C6 TAF A 8 5.51 6.60 3.32
C2 TAF A 8 3.74 7.66 2.07
O2 TAF A 8 3.32 8.48 1.26
N3 TAF A 8 2.86 6.89 2.78
C4 TAF A 8 3.18 5.98 3.78
O4 TAF A 8 2.26 5.34 4.29
C5 TAF A 8 4.62 5.88 4.05
C5M TAF A 8 5.14 4.99 5.16
F2' TAF A 8 6.69 9.21 3.75
C2' TAF A 8 6.66 9.46 2.39
C5' TAF A 8 9.52 7.84 0.64
C4' TAF A 8 8.16 8.54 0.78
O4' TAF A 8 7.17 7.57 1.10
C1' TAF A 8 6.07 8.31 1.58
C3' TAF A 8 8.10 9.60 1.88
O3' TAF A 8 8.37 10.92 1.37
H6 TAF A 8 6.58 6.53 3.53
H3 TAF A 8 1.88 7.06 2.60
H71 TAF A 8 6.06 5.39 5.57
H72 TAF A 8 5.34 3.98 4.77
H73 TAF A 8 4.40 4.91 5.95
H2' TAF A 8 6.07 10.35 2.19
H5' TAF A 8 9.44 7.11 -0.17
H5'' TAF A 8 10.27 8.58 0.36
H4' TAF A 8 7.90 8.99 -0.18
H1' TAF A 8 5.55 8.76 0.72
H3' TAF A 8 8.79 9.34 2.69
P GFL A 9 8.49 12.22 2.32
O1P GFL A 9 9.13 13.31 1.55
O2P GFL A 9 9.07 11.79 3.61
O5' GFL A 9 6.95 12.63 2.57
C5' GFL A 9 6.15 13.12 1.49
C4' GFL A 9 4.69 13.39 1.86
O4' GFL A 9 3.99 12.16 2.16
C3' GFL A 9 4.49 14.33 3.07
O3' GFL A 9 3.81 15.57 2.81
C2' GFL A 9 3.86 13.44 4.13
C1' GFL A 9 3.15 12.40 3.28
N9 GFL A 9 2.77 11.16 4.00
C8 GFL A 9 3.56 10.20 4.52
N7 GFL A 9 2.93 9.21 5.09
C5 GFL A 9 1.58 9.58 4.97
C6 GFL A 9 0.36 8.95 5.40
O6 GFL A 9 0.16 7.88 5.99
N1 GFL A 9 -0.78 9.67 5.07
C2 GFL A 9 -0.75 10.86 4.42
N2 GFL A 9 -1.90 11.48 4.23
N3 GFL A 9 0.35 11.48 4.02
C4 GFL A 9 1.48 10.78 4.31
F GFL A 9 4.83 12.81 4.91
H5'1 GFL A 9 6.59 14.05 1.13
H5'2 GFL A 9 6.17 12.39 0.68
H4' GFL A 9 4.26 13.86 0.97
H3' GFL A 9 5.49 14.59 3.44
H2' GFL A 9 3.19 13.99 4.79
H1' GFL A 9 2.20 12.80 2.99
H8 GFL A 9 4.63 10.31 4.43
HN1 GFL A 9 -1.68 9.29 5.34
HN21 GFL A 9 -1.81 12.42 3.88
HN22 GFL A 9 -2.78 11.11 4.58
P GFL A 10 2.30 15.77 2.23
O1P GFL A 10 1.91 14.54 1.49
O2P GFL A 10 2.25 17.07 1.53
O5' GFL A 10 1.33 15.88 3.52
C5' GFL A 10 0.50 14.82 3.97
C4' GFL A 10 -0.58 15.29 4.94
O4' GFL A 10 -1.14 14.15 5.58
C3' GFL A 10 -0.09 16.21 6.08
O3' GFL A 10 -1.14 17.05 6.62
C2' GFL A 10 0.40 15.19 7.10
C1' GFL A 10 -0.68 14.11 6.93
N9 GFL A 10 -0.34 12.74 7.35
C8 GFL A 10 0.87 12.08 7.48
N7 GFL A 10 0.78 10.89 7.98
C5 GFL A 10 -0.57 10.71 8.23
C6 GFL A 10 -1.31 9.60 8.79
O6 GFL A 10 -0.92 8.51 9.19
N1 GFL A 10 -2.66 9.86 8.89
C2 GFL A 10 -3.26 11.02 8.48
N2 GFL A 10 -4.56 11.11 8.64
N3 GFL A 10 -2.61 12.05 7.96
C4 GFL A 10 -1.27 11.83 7.85
F GFL A 10 1.67 14.74 6.76
H5'1 GFL A 10 0.00 14.37 3.11
H5'2 GFL A 10 1.10 14.06 4.45
H4' GFL A 10 -1.36 15.81 4.37
H3' GFL A 10 0.75 16.81 5.74
HO3' GFL A 10 -1.47 17.65 5.95
H2' GFL A 10 0.41 15.60 8.12
H1' GFL A 10 -1.49 14.42 7.58
H8 GFL A 10 1.80 12.52 7.18
HN1 GFL A 10 -3.23 9.11 9.28
HN21 GFL A 10 -4.98 11.97 8.34
HN22 GFL A 10 -5.08 10.37 9.14
O5' GFL A 1 -12.24 -3.77 -10.88
C5' GFL A 1 -13.24 -4.76 -10.69
C4' GFL A 1 -12.88 -5.82 -9.63
O4' GFL A 1 -11.73 -6.54 -10.04
C3' GFL A 1 -12.60 -5.21 -8.25
O3' GFL A 1 -13.19 -6.03 -7.24
C2' GFL A 1 -11.07 -5.13 -8.26
C1' GFL A 1 -10.75 -6.42 -9.02
N9 GFL A 1 -9.40 -6.49 -9.61
C8 GFL A 1 -8.77 -5.58 -10.41
N7 GFL A 1 -7.61 -5.95 -10.87
C5 GFL A 1 -7.44 -7.22 -10.33
C6 GFL A 1 -6.37 -8.17 -10.47
O6 GFL A 1 -5.34 -8.10 -11.14
N1 GFL A 1 -6.57 -9.32 -9.73
C2 GFL A 1 -7.66 -9.56 -8.96
N2 GFL A 1 -7.67 -10.68 -8.28
N3 GFL A 1 -8.68 -8.72 -8.82
C4 GFL A 1 -8.52 -7.57 -9.53
F GFL A 1 -10.70 -4.02 -9.01
H5'1 GFL A 1 -14.17 -4.28 -10.40
H5'2 GFL A 1 -13.40 -5.28 -11.63
H4' GFL A 1 -13.69 -6.53 -9.52
H3' GFL A 1 -13.00 -4.20 -8.17
H2' GFL A 1 -10.60 -5.10 -7.29
H1' GFL A 1 -10.84 -7.21 -8.28
H8 GFL A 1 -9.22 -4.63 -10.65
HN1 GFL A 1 -5.82 -10.01 -9.78
HN21 GFL A 1 -8.47 -10.82 -7.69
HN22 GFL A 1 -6.91 -11.36 -8.36
HO5' GFL A 1 -11.59 -3.80 -10.12
P CFL A 2 -13.37 -5.53 -5.70
O1P CFL A 2 -14.60 -6.15 -5.17
O2P CFL A 2 -13.22 -4.05 -5.68
O5' CFL A 2 -12.11 -6.21 -5.00
C5' CFL A 2 -12.12 -7.61 -4.75
C4' CFL A 2 -10.77 -8.14 -4.25
O4' CFL A 2 -9.78 -8.14 -5.26
C3' CFL A 2 -10.22 -7.41 -3.03
O3' CFL A 2 -10.33 -8.25 -1.87
C2' CFL A 2 -8.79 -7.03 -3.43
C1' CFL A 2 -8.53 -7.96 -4.64
N1 CFL A 2 -7.56 -7.43 -5.65
C2 CFL A 2 -6.37 -8.13 -5.88
O2 CFL A 2 -6.10 -9.18 -5.30
N3 CFL A 2 -5.46 -7.66 -6.77
C4 CFL A 2 -5.71 -6.54 -7.42
N4 CFL A 2 -4.83 -6.16 -8.31
C5 CFL A 2 -6.94 -5.82 -7.27
C6 CFL A 2 -7.84 -6.30 -6.38
F CFL A 2 -8.74 -5.70 -3.81
H5'1 CFL A 2 -12.88 -7.83 -4.00
H5'2 CFL A 2 -12.37 -8.13 -5.67
H4' CFL A 2 -10.92 -9.19 -3.97
H3' CFL A 2 -10.76 -6.49 -2.86
H2' CFL A 2 -8.06 -7.21 -2.66
H1' CFL A 2 -8.15 -8.89 -4.23
HN41 CFL A 2 -3.99 -6.74 -8.44
HN42 CFL A 2 -5.03 -5.37 -8.90
H5 CFL A 2 -7.17 -4.94 -7.85
H6 CFL A 2 -8.80 -5.81 -6.25
P TAF A 3 -9.86 -7.77 -0.39
OP1 TAF A 3 -10.62 -8.56 0.61
OP2 TAF A 3 -9.87 -6.29 -0.35
O5' TAF A 3 -8.34 -8.30 -0.41
N1 TAF A 3 -4.30 -8.00 -2.68
C6 TAF A 3 -5.02 -6.83 -2.80
C2 TAF A 3 -3.13 -8.21 -3.45
O2 TAF A 3 -2.41 -9.18 -3.33
N3 TAF A 3 -2.82 -7.22 -4.36
C4 TAF A 3 -3.51 -6.04 -4.55
O4 TAF A 3 -3.10 -5.25 -5.40
C5 TAF A 3 -4.67 -5.86 -3.68
C5M TAF A 3 -5.49 -4.58 -3.76
F2' TAF A 3 -4.76 -7.36 -0.04
C2' TAF A 3 -4.57 -8.72 -0.26
C5' TAF A 3 -8.07 -9.68 -0.54
C4' TAF A 3 -6.58 -9.98 -0.75
O4' TAF A 3 -6.10 -9.37 -1.94
C1' TAF A 3 -4.72 -9.08 -1.75
C3' TAF A 3 -5.70 -9.50 0.41
O3' TAF A 3 -5.27 -10.60 1.22
H6 TAF A 3 -5.86 -6.70 -2.12
H3 TAF A 3 -1.97 -7.36 -4.89
H71 TAF A 3 -4.83 -3.73 -3.58
H72 TAF A 3 -6.28 -4.59 -3.00
H73 TAF A 3 -5.95 -4.50 -4.74
H2' TAF A 3 -3.58 -9.02 0.08
H5' TAF A 3 -8.62 -10.09 -1.38
H5'' TAF A 3 -8.40 -10.19 0.37
H4' TAF A 3 -6.47 -11.06 -0.84
H1' TAF A 3 -4.11 -9.95 -1.94
H3' TAF A 3 -6.27 -8.80 1.02
F A5L A 4 -1.29 -7.62 2.32
P A5L A 4 -4.64 -10.38 2.69
N1 A5L A 4 1.27 -5.77 -3.53
C2 A5L A 4 1.87 -6.81 -2.95
N3 A5L A 4 1.44 -7.52 -1.91
C4 A5L A 4 0.22 -7.09 -1.47
C5 A5L A 4 -0.51 -6.05 -1.98
C6 A5L A 4 0.07 -5.39 -3.07
N6 A5L A 4 -0.45 -4.35 -3.68
N7 A5L A 4 -1.70 -5.89 -1.27
C8 A5L A 4 -1.63 -6.81 -0.34
N9 A5L A 4 -0.48 -7.56 -0.38
C1' A5L A 4 -0.02 -8.63 0.55
C2' A5L A 4 -0.13 -8.31 2.05
C3' A5L A 4 -0.19 -9.73 2.65
O3' A5L A 4 1.08 -10.29 3.01
C4' A5L A 4 -0.84 -10.57 1.55
O4' A5L A 4 -0.78 -9.81 0.33
C5' A5L A 4 -2.26 -11.05 1.87
O5' A5L A 4 -3.11 -10.04 2.34
OP1 A5L A 4 -4.69 -11.67 3.41
OP2 A5L A 4 -5.28 -9.18 3.28
H2 A5L A 4 2.82 -7.08 -3.38
H8 A5L A 4 -2.39 -6.95 0.39
HN6 A5L A 4 0.07 -3.94 -4.47
HN6A A5L A 4 -1.35 -4.02 -3.41
H5' A5L A 4 -2.18 -11.83 2.63
H5'A A5L A 4 -2.68 -11.50 0.96
H1' A5L A 4 1.04 -8.77 0.34
H2' A5L A 4 0.72 -7.74 2.40
H3' A5L A 4 -0.83 -9.69 3.53
H4' A5L A 4 -0.25 -11.48 1.41
P TAF A 5 2.01 -9.69 4.19
OP1 TAF A 5 2.88 -10.76 4.70
OP2 TAF A 5 1.14 -8.93 5.11
O5' TAF A 5 2.89 -8.66 3.33
N1 TAF A 5 2.64 -5.09 0.12
C6 TAF A 5 1.53 -4.96 0.92
C2 TAF A 5 2.87 -4.21 -0.94
O2 TAF A 5 3.88 -4.23 -1.63
N3 TAF A 5 1.90 -3.28 -1.18
C4 TAF A 5 0.77 -3.05 -0.42
O4 TAF A 5 0.05 -2.09 -0.74
C5 TAF A 5 0.60 -3.98 0.69
C5M TAF A 5 -0.60 -3.87 1.61
F2' TAF A 5 4.00 -4.89 2.46
C2' TAF A 5 4.65 -5.66 1.51
C5' TAF A 5 3.77 -9.14 2.34
C4' TAF A 5 4.28 -8.03 1.43
O4' TAF A 5 3.20 -7.36 0.79
C1' TAF A 5 3.71 -6.09 0.40
C3' TAF A 5 5.10 -6.97 2.16
O3' TAF A 5 6.51 -7.19 2.03
H6 TAF A 5 1.41 -5.63 1.76
H3 TAF A 5 2.11 -2.61 -1.91
H71 TAF A 5 -0.78 -4.82 2.12
H72 TAF A 5 -1.48 -3.60 1.03
H73 TAF A 5 -0.41 -3.10 2.36
H2' TAF A 5 5.47 -5.09 1.08
H5' TAF A 5 3.25 -9.88 1.72
H5'' TAF A 5 4.62 -9.63 2.82
H4' TAF A 5 4.91 -8.50 0.65
H1' TAF A 5 4.31 -6.21 -0.51
H3' TAF A 5 4.80 -6.96 3.21
F A5L A 6 6.55 -1.66 3.08
P A5L A 6 7.58 -6.46 3.02
N1 A5L A 6 3.21 1.76 -1.14
C2 A5L A 6 4.54 1.80 -1.21
N3 A5L A 6 5.40 0.95 -0.68
C4 A5L A 6 4.77 -0.05 0.02
C5 A5L A 6 3.43 -0.21 0.20
C6 A5L A 6 2.64 0.77 -0.44
N6 A5L A 6 1.31 0.78 -0.45
N7 A5L A 6 3.15 -1.32 0.98
C8 A5L A 6 4.33 -1.81 1.23
N9 A5L A 6 5.36 -1.09 0.68
C1' A5L A 6 6.81 -1.40 0.73
C2' A5L A 6 7.45 -1.24 2.11
C3' A5L A 6 8.65 -2.19 2.00
O3' A5L A 6 9.90 -1.56 1.68
C4' A5L A 6 8.27 -3.16 0.88
O4' A5L A 6 7.00 -2.77 0.37
C5' A5L A 6 8.33 -4.64 1.27
O5' A5L A 6 7.61 -4.96 2.45
OP1 A5L A 6 8.89 -7.07 2.80
OP2 A5L A 6 6.98 -6.43 4.37
H2 A5L A 6 4.93 2.65 -1.76
H8 A5L A 6 4.52 -2.69 1.82
HN6 A5L A 6 0.82 1.48 -1.00
HN6A A5L A 6 0.82 -0.02 -0.07
H5' A5L A 6 9.38 -4.90 1.42
H5'A A5L A 6 7.95 -5.23 0.44
H1' A5L A 6 7.32 -0.74 0.04
H2' A5L A 6 7.72 -0.21 2.30
H3' A5L A 6 8.74 -2.74 2.95
H4' A5L A 6 8.97 -3.01 0.05
F A5L A 7 7.81 3.27 3.67
P A5L A 7 10.69 -0.62 2.74
N1 A5L A 7 2.64 5.13 0.06
C2 A5L A 7 3.84 5.48 -0.36
N3 A5L A 7 5.03 5.05 0.04
C4 A5L A 7 4.90 4.08 0.99
C5 A5L A 7 3.75 3.59 1.52
C6 A5L A 7 2.57 4.18 1.00
N6 A5L A 7 1.34 3.89 1.38
N7 A5L A 7 4.03 2.58 2.45
C8 A5L A 7 5.34 2.51 2.43
N9 A5L A 7 5.94 3.40 1.60
C1' A5L A 7 7.38 3.62 1.36
C2' A5L A 7 8.20 4.03 2.59
C3' A5L A 7 9.62 3.70 2.16
O3' A5L A 7 10.41 4.81 1.73
C4' A5L A 7 9.43 2.71 1.01
O4' A5L A 7 8.04 2.46 0.87
C5' A5L A 7 10.26 1.43 1.17
O5' A5L A 7 10.01 0.79 2.41
OP1 A5L A 7 12.12 -0.57 2.35
OP2 A5L A 7 10.30 -1.04 4.10
H2 A5L A 7 3.84 6.22 -1.14
H8 A5L A 7 5.94 1.83 2.99
HN6 A5L A 7 0.56 4.39 0.92
HN6A A5L A 7 1.19 3.21 2.10
H5' A5L A 7 11.31 1.68 1.09
H5'A A5L A 7 10.01 0.76 0.35
H1' A5L A 7 7.43 4.44 0.65
H2' A5L A 7 8.07 5.09 2.80
H3' A5L A 7 10.11 3.20 3.00
H4' A5L A 7 9.75 3.20 0.09
P TAF A 8 10.91 5.97 2.76
OP1 TAF A 8 12.14 6.58 2.21
OP2 TAF A 8 10.88 5.41 4.13
O5' TAF A 8 9.71 7.02 2.61
N1 TAF A 8 4.99 7.42 2.62
C6 TAF A 8 5.34 6.50 3.58
C2 TAF A 8 3.66 7.63 2.28
O2 TAF A 8 3.28 8.46 1.46
N3 TAF A 8 2.74 6.84 2.93
C4 TAF A 8 2.99 5.88 3.88
O4 TAF A 8 2.04 5.23 4.32
C5 TAF A 8 4.41 5.74 4.22
C5M TAF A 8 4.86 4.77 5.29
F2' TAF A 8 6.50 9.07 4.20
C2' TAF A 8 6.56 9.40 2.85
C5' TAF A 8 9.53 7.73 1.39
C4' TAF A 8 8.18 8.46 1.34
O4' TAF A 8 7.13 7.53 1.52
C1' TAF A 8 6.01 8.28 1.95
C3' TAF A 8 8.03 9.52 2.44
O3' TAF A 8 8.37 10.82 1.96
H6 TAF A 8 6.39 6.43 3.84
H3 TAF A 8 1.77 6.99 2.69
H71 TAF A 8 4.20 3.90 5.30
H72 TAF A 8 4.83 5.26 6.26
H73 TAF A 8 5.88 4.43 5.09
H2' TAF A 8 5.99 10.30 2.67
H5' TAF A 8 9.58 7.04 0.55
H5'' TAF A 8 10.33 8.47 1.29
H4' TAF A 8 8.06 8.93 0.37
H1' TAF A 8 5.56 8.76 1.08
H3' TAF A 8 8.64 9.24 3.29
P GFL A 9 8.56 12.08 2.97
O1P GFL A 9 9.24 13.16 2.22
O2P GFL A 9 9.13 11.57 4.24
O5' GFL A 9 7.03 12.53 3.24
C5' GFL A 9 6.29 13.19 2.23
C4' GFL A 9 4.84 13.49 2.60
O4' GFL A 9 4.04 12.31 2.71
C3' GFL A 9 4.65 14.29 3.90
O3' GFL A 9 3.77 15.40 3.62
C2' GFL A 9 4.10 13.26 4.89
C1' GFL A 9 3.28 12.40 3.91
N9 GFL A 9 2.83 11.09 4.42
C8 GFL A 9 3.55 10.11 5.03
N7 GFL A 9 2.82 9.11 5.47
C5 GFL A 9 1.51 9.49 5.15
C6 GFL A 9 0.24 8.87 5.40
O6 GFL A 9 -0.05 7.81 5.97
N1 GFL A 9 -0.83 9.62 4.94
C2 GFL A 9 -0.70 10.82 4.30
N2 GFL A 9 -1.79 11.48 4.02
N3 GFL A 9 0.45 11.40 4.03
C4 GFL A 9 1.53 10.68 4.48
F GFL A 9 5.09 12.50 5.47
H5'1 GFL A 9 6.79 14.12 1.98
H5'2 GFL A 9 6.28 12.57 1.33
H4' GFL A 9 4.46 14.10 1.76
H3' GFL A 9 5.61 14.65 4.27
H2' GFL A 9 3.46 13.68 5.65
H1' GFL A 9 2.36 12.94 3.78
H8 GFL A 9 4.61 10.21 5.12
HN1 GFL A 9 -1.76 9.26 5.14
HN21 GFL A 9 -1.63 12.42 3.70
HN22 GFL A 9 -2.72 11.15 4.33
P GFL A 10 3.24 16.43 4.74
O1P GFL A 10 3.15 17.78 4.15
O2P GFL A 10 3.99 16.21 5.99
O5' GFL A 10 1.73 15.89 4.93
C5' GFL A 10 0.81 15.97 3.86
C4' GFL A 10 -0.66 15.72 4.22
O4' GFL A 10 -0.89 14.38 4.64
C3' GFL A 10 -1.22 16.65 5.31
O3' GFL A 10 -2.53 17.11 4.96
C2' GFL A 10 -1.22 15.77 6.56
C1' GFL A 10 -1.48 14.39 5.94
N9 GFL A 10 -0.97 13.28 6.74
C8 GFL A 10 0.32 12.87 6.95
N7 GFL A 10 0.43 11.74 7.61
C5 GFL A 10 -0.89 11.38 7.88
C6 GFL A 10 -1.47 10.26 8.56
O6 GFL A 10 -0.93 9.28 9.08
N1 GFL A 10 -2.86 10.29 8.61
C2 GFL A 10 -3.61 11.31 8.10
N2 GFL A 10 -4.91 11.23 8.26
N3 GFL A 10 -3.12 12.38 7.48
C4 GFL A 10 -1.76 12.34 7.38
F GFL A 10 0.00 15.81 7.22
H5'1 GFL A 10 0.87 16.96 3.42
H5'2 GFL A 10 1.10 15.25 3.09
H4' GFL A 10 -1.22 15.89 3.30
H3' GFL A 10 -0.53 17.48 5.46
HO3' GFL A 10 -2.68 18.01 5.28
H2' GFL A 10 -2.01 16.05 7.26
H1' GFL A 10 -2.55 14.27 5.87
H8 GFL A 10 1.14 13.44 6.55
HN1 GFL A 10 -3.31 9.49 9.01
HN21 GFL A 10 -5.43 12.00 7.90
HN22 GFL A 10 -5.34 10.43 8.74
O5' GFL A 1 -14.47 -4.39 -10.35
C5' GFL A 1 -13.34 -5.13 -10.82
C4' GFL A 1 -13.03 -6.33 -9.92
O4' GFL A 1 -11.92 -7.04 -10.46
C3' GFL A 1 -12.69 -5.94 -8.48
O3' GFL A 1 -13.30 -6.89 -7.58
C2' GFL A 1 -11.17 -5.92 -8.51
C1' GFL A 1 -10.94 -7.11 -9.44
N9 GFL A 1 -9.58 -7.14 -10.05
C8 GFL A 1 -8.97 -6.19 -10.83
N7 GFL A 1 -7.79 -6.51 -11.26
C5 GFL A 1 -7.58 -7.78 -10.73
C6 GFL A 1 -6.46 -8.67 -10.83
O6 GFL A 1 -5.40 -8.54 -11.44
N1 GFL A 1 -6.61 -9.82 -10.08
C2 GFL A 1 -7.72 -10.11 -9.35
N2 GFL A 1 -7.69 -11.21 -8.63
N3 GFL A 1 -8.80 -9.34 -9.27
C4 GFL A 1 -8.67 -8.17 -9.98
F GFL A 1 -10.71 -4.74 -9.08
H5'1 GFL A 1 -13.53 -5.49 -11.82
H5'2 GFL A 1 -12.46 -4.48 -10.84
H4' GFL A 1 -13.87 -7.02 -9.91
H3' GFL A 1 -13.05 -4.94 -8.25
H2' GFL A 1 -10.68 -6.08 -7.55
H1' GFL A 1 -11.05 -7.99 -8.83
H8 GFL A 1 -9.47 -5.25 -11.02
HN1 GFL A 1 -5.81 -10.45 -10.06
HN21 GFL A 1 -8.50 -11.37 -8.05
HN22 GFL A 1 -6.84 -11.80 -8.59
HO5' GFL A 1 -14.43 -3.49 -10.69
P CFL A 2 -13.45 -6.60 -6.00
O1P CFL A 2 -14.62 -7.37 -5.51
O2P CFL A 2 -13.36 -5.14 -5.77
O5' CFL A 2 -12.11 -7.32 -5.43
C5' CFL A 2 -12.04 -8.74 -5.45
C4' CFL A 2 -10.68 -9.27 -4.97
O4' CFL A 2 -9.65 -9.13 -5.95
C3' CFL A 2 -10.18 -8.69 -3.65
O3' CFL A 2 -10.15 -9.72 -2.66
C2' CFL A 2 -8.82 -8.07 -4.00
C1' CFL A 2 -8.43 -8.88 -5.26
N1 CFL A 2 -7.48 -8.21 -6.18
C2 CFL A 2 -6.20 -8.77 -6.37
O2 CFL A 2 -5.86 -9.80 -5.81
N3 CFL A 2 -5.32 -8.19 -7.23
C4 CFL A 2 -5.67 -7.10 -7.87
N4 CFL A 2 -4.81 -6.62 -8.74
C5 CFL A 2 -6.96 -6.51 -7.75
C6 CFL A 2 -7.84 -7.09 -6.90
F CFL A 2 -8.93 -6.73 -4.32
H5'1 CFL A 2 -12.80 -9.13 -4.78
H5'2 CFL A 2 -12.21 -9.10 -6.46
H4' CFL A 2 -10.80 -10.35 -4.83
H3' CFL A 2 -10.84 -7.88 -3.33
H2' CFL A 2 -8.07 -8.19 -3.23
H1' CFL A 2 -7.99 -9.81 -4.90
HN41 CFL A 2 -3.92 -7.13 -8.86
HN42 CFL A 2 -5.06 -5.86 -9.34
H5 CFL A 2 -7.27 -5.64 -8.32
H6 CFL A 2 -8.85 -6.71 -6.78
P TAF A 3 -9.78 -9.44 -1.12
OP1 TAF A 3 -10.41 -10.50 -0.29
OP2 TAF A 3 -10.02 -8.01 -0.83
O5' TAF A 3 -8.20 -9.70 -1.18
N1 TAF A 3 -4.08 -8.65 -3.17
C6 TAF A 3 -4.95 -7.59 -3.28
C2 TAF A 3 -2.86 -8.66 -3.85
O2 TAF A 3 -2.02 -9.54 -3.72
N3 TAF A 3 -2.64 -7.61 -4.71
C4 TAF A 3 -3.45 -6.52 -4.89
O4 TAF A 3 -3.08 -5.64 -5.66
C5 TAF A 3 -4.68 -6.54 -4.09
C5M TAF A 3 -5.67 -5.39 -4.16
F2' TAF A 3 -4.82 -8.23 -0.53
C2' TAF A 3 -4.43 -9.54 -0.80
C5' TAF A 3 -7.71 -11.01 -1.42
C4' TAF A 3 -6.18 -11.05 -1.51
O4' TAF A 3 -5.71 -10.32 -2.64
C1' TAF A 3 -4.41 -9.83 -2.31
C3' TAF A 3 -5.50 -10.50 -0.26
O3' TAF A 3 -5.02 -11.57 0.54
H6 TAF A 3 -5.85 -7.62 -2.67
H3 TAF A 3 -1.76 -7.63 -5.21
H71 TAF A 3 -6.36 -5.42 -3.30
H72 TAF A 3 -6.25 -5.45 -5.08
H73 TAF A 3 -5.13 -4.44 -4.15
H2' TAF A 3 -3.45 -9.71 -0.38
H5' TAF A 3 -8.12 -11.39 -2.36
H5'' TAF A 3 -8.03 -11.67 -0.62
H4' TAF A 3 -5.90 -12.10 -1.64
H1' TAF A 3 -3.65 -10.59 -2.47
H3' TAF A 3 -6.22 -9.90 0.31
F A5L A 4 -1.40 -8.21 1.90
P A5L A 4 -4.54 -11.33 2.07
N1 A5L A 4 1.33 -5.95 -3.70
C2 A5L A 4 1.96 -6.97 -3.15
N3 A5L A 4 1.52 -7.77 -2.18
C4 A5L A 4 0.26 -7.44 -1.77
C5 A5L A 4 -0.52 -6.43 -2.29
C6 A5L A 4 0.09 -5.67 -3.31
N6 A5L A 4 -0.46 -4.64 -3.92
N7 A5L A 4 -1.77 -6.38 -1.65
C8 A5L A 4 -1.68 -7.34 -0.76
N9 A5L A 4 -0.47 -8.00 -0.75
C1' A5L A 4 0.00 -9.08 0.16
C2' A5L A 4 -0.18 -8.83 1.66
C3' A5L A 4 -0.19 -10.25 2.23
O3' A5L A 4 1.07 -10.76 2.67
C4' A5L A 4 -0.70 -11.10 1.06
O4' A5L A 4 -0.68 -10.30 -0.12
C5' A5L A 4 -2.07 -11.74 1.31
O5' A5L A 4 -3.04 -10.84 1.82
OP1 A5L A 4 -4.50 -12.63 2.76
OP2 A5L A 4 -5.32 -10.21 2.64
H2 A5L A 4 2.93 -7.19 -3.57
H8 A5L A 4 -2.46 -7.57 -0.07
HN6 A5L A 4 0.09 -4.17 -4.64
HN6A A5L A 4 -1.42 -4.39 -3.72
H5' A5L A 4 -1.95 -12.56 2.02
H5'A A5L A 4 -2.43 -12.16 0.36
H1' A5L A 4 1.08 -9.14 -0.01
H2' A5L A 4 0.61 -8.20 2.07
H3' A5L A 4 -0.91 -10.28 3.06
H4' A5L A 4 -0.02 -11.94 0.92
P TAF A 5 1.86 -10.14 3.94
OP1 TAF A 5 2.79 -11.18 4.46
OP2 TAF A 5 0.88 -9.50 4.83
O5' TAF A 5 2.71 -9.03 3.17
N1 TAF A 5 2.43 -5.34 0.03
C6 TAF A 5 1.26 -5.29 0.75
C2 TAF A 5 2.68 -4.42 -0.99
O2 TAF A 5 3.74 -4.36 -1.61
N3 TAF A 5 1.68 -3.53 -1.28
C4 TAF A 5 0.49 -3.39 -0.61
O4 TAF A 5 -0.28 -2.49 -0.97
C5 TAF A 5 0.30 -4.36 0.47
C5M TAF A 5 -0.96 -4.33 1.33
F2' TAF A 5 3.60 -5.17 2.49
C2' TAF A 5 4.38 -5.85 1.56
C5' TAF A 5 3.66 -9.42 2.20
C4' TAF A 5 4.14 -8.24 1.34
O4' TAF A 5 3.06 -7.59 0.68
C1' TAF A 5 3.53 -6.29 0.36
C3' TAF A 5 4.85 -7.17 2.16
O3' TAF A 5 6.28 -7.36 2.09
H6 TAF A 5 1.13 -5.97 1.57
H3 TAF A 5 1.91 -2.83 -1.97
H71 TAF A 5 -0.76 -4.73 2.32
H72 TAF A 5 -1.74 -4.91 0.85
H73 TAF A 5 -1.31 -3.29 1.43
H2' TAF A 5 5.18 -5.22 1.20
H5' TAF A 5 3.23 -10.15 1.53
H5'' TAF A 5 4.52 -9.88 2.70
H4' TAF A 5 4.82 -8.65 0.59
H1' TAF A 5 4.20 -6.34 -0.51
H3' TAF A 5 4.52 -7.22 3.20
F A5L A 6 6.23 -1.75 3.04
P A5L A 6 7.28 -6.64 3.13
N1 A5L A 6 2.98 1.66 -1.13
C2 A5L A 6 4.30 1.65 -1.23
N3 A5L A 6 5.14 0.76 -0.70
C4 A5L A 6 4.48 -0.21 -0.01
C5 A5L A 6 3.12 -0.32 0.18
C6 A5L A 6 2.36 0.69 -0.44
N6 A5L A 6 1.04 0.76 -0.41
N7 A5L A 6 2.80 -1.46 0.93
C8 A5L A 6 3.97 -2.00 1.16
N9 A5L A 6 5.03 -1.31 0.63
C1' A5L A 6 6.47 -1.67 0.67
C2' A5L A 6 7.13 -1.42 2.04
C3' A5L A 6 8.30 -2.41 2.00
O3' A5L A 6 9.59 -1.86 1.68
C4' A5L A 6 7.90 -3.41 0.91
O4' A5L A 6 6.62 -3.05 0.43
C5' A5L A 6 8.02 -4.87 1.34
O5' A5L A 6 7.33 -5.14 2.55
OP1 A5L A 6 8.61 -7.25 2.96
OP2 A5L A 6 6.63 -6.61 4.46
H2 A5L A 6 4.72 2.48 -1.78
H8 A5L A 6 4.12 -2.91 1.71
HN6 A5L A 6 0.56 1.50 -0.94
HN6A A5L A 6 0.53 0.01 0.03
H5' A5L A 6 9.08 -5.10 1.48
H5'A A5L A 6 7.63 -5.50 0.55
H1' A5L A 6 6.98 -1.05 -0.06
H2' A5L A 6 7.45 -0.39 2.14
H3' A5L A 6 8.34 -2.92 2.97
H4' A5L A 6 8.59 -3.27 0.06
F A5L A 7 7.75 3.18 3.58
P A5L A 7 10.42 -0.96 2.73
N1 A5L A 7 2.55 5.03 0.09
C2 A5L A 7 3.74 5.35 -0.37
N3 A5L A 7 4.93 4.89 -0.01
C4 A5L A 7 4.82 3.94 0.96
C5 A5L A 7 3.66 3.47 1.53
C6 A5L A 7 2.49 4.09 1.04
N6 A5L A 7 1.26 3.85 1.47
N7 A5L A 7 3.95 2.48 2.47
C8 A5L A 7 5.25 2.38 2.42
N9 A5L A 7 5.86 3.24 1.55
C1' A5L A 7 7.30 3.40 1.26
C2' A5L A 7 8.16 3.85 2.44
C3' A5L A 7 9.56 3.41 2.01
O3' A5L A 7 10.39 4.46 1.49
C4' A5L A 7 9.28 2.38 0.91
O4' A5L A 7 7.88 2.19 0.82
C5' A5L A 7 10.05 1.07 1.11
O5' A5L A 7 9.82 0.49 2.39
OP1 A5L A 7 11.85 -0.99 2.35
OP2 A5L A 7 10.00 -1.33 4.10
H2 A5L A 7 3.74 6.07 -1.16
H8 A5L A 7 5.87 1.73 3.00
HN6 A5L A 7 0.49 4.37 1.07
HN6A A5L A 7 1.14 3.19 2.23
H5' A5L A 7 11.12 1.27 1.01
H5'A A5L A 7 9.75 0.37 0.33
H1' A5L A 7 7.36 4.17 0.50
H2' A5L A 7 8.09 4.92 2.59
H3' A5L A 7 10.04 2.94 2.87
H4' A5L A 7 9.61 2.79 -0.04
P TAF A 8 10.99 5.64 2.42
OP1 TAF A 8 12.18 6.19 1.75
OP2 TAF A 8 11.05 5.13 3.80
O5' TAF A 8 9.81 6.72 2.32
N1 TAF A 8 5.02 7.22 2.53
C6 TAF A 8 5.37 6.32 3.52
C2 TAF A 8 3.69 7.47 2.22
O2 TAF A 8 3.34 8.29 1.38
N3 TAF A 8 2.76 6.75 2.92
C4 TAF A 8 3.01 5.83 3.90
O4 TAF A 8 2.03 5.25 4.42
C5 TAF A 8 4.42 5.63 4.19
C5M TAF A 8 4.85 4.65 5.28
F2' TAF A 8 6.63 8.91 3.99
C2' TAF A 8 6.66 9.15 2.63
C5' TAF A 8 9.54 7.38 1.09
C4' TAF A 8 8.21 8.13 1.10
O4' TAF A 8 7.15 7.22 1.39
C1' TAF A 8 6.07 8.01 1.80
C3' TAF A 8 8.13 9.22 2.17
O3' TAF A 8 8.49 10.49 1.63
H6 TAF A 8 6.41 6.20 3.74
H3 TAF A 8 1.79 6.99 2.75
H71 TAF A 8 5.93 4.64 5.40
H72 TAF A 8 4.51 3.65 5.01
H73 TAF A 8 4.39 4.94 6.23
H2' TAF A 8 6.13 10.06 2.40
H5' TAF A 8 9.51 6.65 0.28
H5'' TAF A 8 10.35 8.09 0.88
H4' TAF A 8 8.03 8.57 0.13
H1' TAF A 8 5.61 8.47 0.92
H3' TAF A 8 8.77 8.95 3.01
P GFL A 9 8.74 11.79 2.58
O1P GFL A 9 9.44 12.81 1.77
O2P GFL A 9 9.34 11.32 3.84
O5' GFL A 9 7.24 12.30 2.84
C5' GFL A 9 6.50 12.91 1.81
C4' GFL A 9 5.06 13.30 2.16
O4' GFL A 9 4.20 12.18 2.34
C3' GFL A 9 4.90 14.19 3.41
O3' GFL A 9 4.07 15.31 3.08
C2' GFL A 9 4.28 13.25 4.44
C1' GFL A 9 3.41 12.41 3.51
N9 GFL A 9 2.85 11.20 4.12
C8 GFL A 9 3.50 10.12 4.64
N7 GFL A 9 2.72 9.22 5.19
C5 GFL A 9 1.44 9.77 5.05
C6 GFL A 9 0.13 9.33 5.47
O6 GFL A 9 -0.20 8.31 6.08
N1 GFL A 9 -0.88 10.19 5.11
C2 GFL A 9 -0.69 11.37 4.46
N2 GFL A 9 -1.72 12.17 4.32
N3 GFL A 9 0.50 11.82 4.07
C4 GFL A 9 1.51 10.97 4.38
F GFL A 9 5.20 12.44 5.09
H5'1 GFL A 9 7.03 13.82 1.50
H5'2 GFL A 9 6.47 12.24 0.95
H4' GFL A 9 4.71 13.88 1.29
H3' GFL A 9 5.87 14.52 3.78
H2' GFL A 9 3.67 13.77 5.18
H1' GFL A 9 2.53 13.00 3.30
H8 GFL A 9 4.57 10.08 4.58
HN1 GFL A 9 -1.82 9.95 5.42
HN21 GFL A 9 -1.44 13.11 4.10
HN22 GFL A 9 -2.64 11.94 4.71
P GFL A 10 3.68 16.46 4.16
O1P GFL A 10 3.51 17.73 3.44
O2P GFL A 10 4.61 16.36 5.29
O5' GFL A 10 2.22 15.96 4.64
C5' GFL A 10 1.10 16.04 3.76
C4' GFL A 10 -0.26 16.09 4.46
O4' GFL A 10 -0.69 14.82 4.94
C3' GFL A 10 -0.37 17.07 5.64
O3' GFL A 10 -1.56 17.87 5.60
C2' GFL A 10 -0.29 16.16 6.87
C1' GFL A 10 -0.98 14.91 6.33
N9 GFL A 10 -0.62 13.66 7.03
C8 GFL A 10 0.58 13.02 7.09
N7 GFL A 10 0.56 11.88 7.72
C5 GFL A 10 -0.77 11.74 8.11
C6 GFL A 10 -1.48 10.70 8.81
O6 GFL A 10 -1.07 9.63 9.27
N1 GFL A 10 -2.82 10.98 9.01
C2 GFL A 10 -3.43 12.11 8.59
N2 GFL A 10 -4.72 12.23 8.82
N3 GFL A 10 -2.82 13.10 7.93
C4 GFL A 10 -1.50 12.85 7.71
F GFL A 10 1.01 15.89 7.24
H5'1 GFL A 10 1.18 16.95 3.17
H5'2 GFL A 10 1.13 15.20 3.07
H4' GFL A 10 -0.96 16.41 3.69
H3' GFL A 10 0.52 17.72 5.65
HO3' GFL A 10 -2.33 17.36 5.31
H2' GFL A 10 -0.84 16.58 7.72
H1' GFL A 10 -2.05 15.03 6.49
H8 GFL A 10 1.46 13.45 6.63
HN1 GFL A 10 -3.37 10.26 9.45
HN21 GFL A 10 -5.15 13.08 8.51
HN22 GFL A 10 -5.24 11.51 9.33
O5' GFL A 1 -11.57 -1.81 -11.03
C5' GFL A 1 -12.50 -2.88 -10.98
C4' GFL A 1 -12.10 -4.06 -10.09
O4' GFL A 1 -10.99 -4.77 -10.63
C3' GFL A 1 -11.77 -3.73 -8.63
O3' GFL A 1 -12.55 -4.60 -7.79
C2' GFL A 1 -10.25 -3.92 -8.57
C1' GFL A 1 -10.11 -5.08 -9.56
N9 GFL A 1 -8.74 -5.30 -10.06
C8 GFL A 1 -7.94 -4.41 -10.73
N7 GFL A 1 -6.80 -4.90 -11.14
C5 GFL A 1 -6.83 -6.22 -10.65
C6 GFL A 1 -5.86 -7.27 -10.76
O6 GFL A 1 -4.78 -7.29 -11.33
N1 GFL A 1 -6.23 -8.42 -10.07
C2 GFL A 1 -7.40 -8.55 -9.39
N2 GFL A 1 -7.58 -9.66 -8.71
N3 GFL A 1 -8.35 -7.61 -9.33
C4 GFL A 1 -8.00 -6.46 -9.98
F GFL A 1 -9.60 -2.80 -9.07
H5'1 GFL A 1 -13.46 -2.51 -10.63
H5'2 GFL A 1 -12.64 -3.27 -11.99
H4' GFL A 1 -12.94 -4.76 -10.09
H3' GFL A 1 -12.00 -2.70 -8.39
H2' GFL A 1 -9.84 -4.18 -7.60
H1' GFL A 1 -10.39 -5.97 -9.01
H8 GFL A 1 -8.25 -3.40 -10.91
HN1 GFL A 1 -5.56 -9.18 -10.07
HN21 GFL A 1 -8.41 -9.68 -8.15
HN22 GFL A 1 -6.86 -10.40 -8.69
HO5' GFL A 1 -10.68 -2.16 -11.20
P CFL A 2 -12.64 -4.45 -6.19
O1P CFL A 2 -13.93 -5.04 -5.77
O2P CFL A 2 -12.34 -3.04 -5.84
O5' CFL A 2 -11.46 -5.42 -5.70
C5' CFL A 2 -11.58 -6.82 -5.79
C4' CFL A 2 -10.39 -7.59 -5.22
O4' CFL A 2 -9.25 -7.59 -6.08
C3' CFL A 2 -9.94 -7.12 -3.85
O3' CFL A 2 -9.88 -8.20 -2.92
C2' CFL A 2 -8.56 -6.51 -4.10
C1' CFL A 2 -8.10 -7.39 -5.26
N1 CFL A 2 -6.98 -6.86 -6.09
C2 CFL A 2 -5.78 -7.58 -6.14
O2 CFL A 2 -5.61 -8.61 -5.48
N3 CFL A 2 -4.76 -7.17 -6.94
C4 CFL A 2 -4.90 -6.06 -7.64
N4 CFL A 2 -3.90 -5.74 -8.42
C5 CFL A 2 -6.08 -5.28 -7.62
C6 CFL A 2 -7.12 -5.72 -6.85
F CFL A 2 -8.61 -5.18 -4.48
H5'1 CFL A 2 -12.47 -7.13 -5.25
H5'2 CFL A 2 -11.71 -7.10 -6.84
H4' CFL A 2 -10.70 -8.64 -5.13
H3' CFL A 2 -10.61 -6.33 -3.49
H2' CFL A 2 -7.89 -6.61 -3.25
H1' CFL A 2 -7.78 -8.33 -4.81
HN41 CFL A 2 -3.11 -6.39 -8.48
HN42 CFL A 2 -3.96 -4.94 -9.01
H5 CFL A 2 -6.21 -4.40 -8.22
H6 CFL A 2 -8.07 -5.19 -6.83
P TAF A 3 -10.17 -7.97 -1.34
OP1 TAF A 3 -10.09 -9.28 -0.66
OP2 TAF A 3 -11.39 -7.15 -1.23
O5' TAF A 3 -8.91 -7.07 -0.90
N1 TAF A 3 -4.38 -7.35 -2.64
C6 TAF A 3 -4.97 -6.12 -2.81
C2 TAF A 3 -3.21 -7.69 -3.30
O2 TAF A 3 -2.58 -8.73 -3.10
N3 TAF A 3 -2.74 -6.77 -4.23
C4 TAF A 3 -3.30 -5.55 -4.51
O4 TAF A 3 -2.78 -4.85 -5.36
C5 TAF A 3 -4.49 -5.23 -3.72
C5M TAF A 3 -5.22 -3.91 -3.92
F2' TAF A 3 -4.84 -6.78 0.06
C2' TAF A 3 -4.73 -8.13 -0.27
C5' TAF A 3 -7.89 -7.56 -0.05
C4' TAF A 3 -7.02 -8.68 -0.62
O4' TAF A 3 -6.43 -8.34 -1.88
C1' TAF A 3 -5.01 -8.36 -1.75
C3' TAF A 3 -5.84 -8.95 0.33
O3' TAF A 3 -5.51 -10.34 0.40
H6 TAF A 3 -5.83 -5.89 -2.19
H3 TAF A 3 -1.88 -7.03 -4.72
H71 TAF A 3 -4.73 -3.31 -4.68
H72 TAF A 3 -6.24 -4.10 -4.23
H73 TAF A 3 -5.23 -3.35 -2.97
H2' TAF A 3 -3.73 -8.48 -0.01
H5' TAF A 3 -8.36 -7.93 0.87
H5'' TAF A 3 -7.26 -6.71 0.23
H4' TAF A 3 -7.61 -9.59 -0.73
H1' TAF A 3 -4.60 -9.33 -2.00
H3' TAF A 3 -6.07 -8.58 1.33
F A5L A 4 -1.86 -7.82 2.18
P A5L A 4 -4.86 -10.97 1.74
N1 A5L A 4 1.36 -5.57 -3.39
C2 A5L A 4 1.88 -6.63 -2.80
N3 A5L A 4 1.37 -7.33 -1.80
C4 A5L A 4 0.17 -6.82 -1.39
C5 A5L A 4 -0.49 -5.75 -1.92
C6 A5L A 4 0.17 -5.11 -2.98
N6 A5L A 4 -0.25 -4.03 -3.61
N7 A5L A 4 -1.68 -5.51 -1.23
C8 A5L A 4 -1.69 -6.44 -0.32
N9 A5L A 4 -0.60 -7.29 -0.36
C1' A5L A 4 -0.21 -8.42 0.53
C2' A5L A 4 -0.58 -8.36 2.02
C3' A5L A 4 -0.53 -9.83 2.40
O3' A5L A 4 0.74 -10.32 2.82
C4' A5L A 4 -0.94 -10.55 1.10
O4' A5L A 4 -0.80 -9.62 0.03
C5' A5L A 4 -2.32 -11.22 1.11
O5' A5L A 4 -3.35 -10.43 1.69
OP1 A5L A 4 -4.84 -12.45 1.60
OP2 A5L A 4 -5.54 -10.34 2.91
H2 A5L A 4 2.82 -6.97 -3.20
H8 A5L A 4 -2.49 -6.54 0.39
HN6 A5L A 4 0.32 -3.68 -4.38
HN6A A5L A 4 -1.15 -3.65 -3.38
H5' A5L A 4 -2.25 -12.14 1.68
H5'A A5L A 4 -2.59 -11.47 0.08
H1' A5L A 4 0.87 -8.45 0.49
H2' A5L A 4 0.13 -7.74 2.56
H3' A5L A 4 -1.28 -10.01 3.18
H4' A5L A 4 -0.24 -11.37 0.93
P TAF A 5 1.51 -9.77 4.13
OP1 TAF A 5 2.36 -10.86 4.67
OP2 TAF A 5 0.53 -9.09 5.00
O5' TAF A 5 2.46 -8.68 3.44
N1 TAF A 5 2.53 -5.00 0.40
C6 TAF A 5 1.38 -4.86 1.15
C2 TAF A 5 2.80 -4.10 -0.64
O2 TAF A 5 3.84 -4.12 -1.29
N3 TAF A 5 1.84 -3.17 -0.92
C4 TAF A 5 0.67 -2.96 -0.23
O4 TAF A 5 -0.05 -2.03 -0.59
C5 TAF A 5 0.46 -3.90 0.88
C5M TAF A 5 -0.78 -3.79 1.76
F2' TAF A 5 3.76 -4.77 2.81
C2' TAF A 5 4.44 -5.57 1.91
C5' TAF A 5 3.49 -9.10 2.56
C4' TAF A 5 4.08 -7.94 1.75
O4' TAF A 5 3.06 -7.27 1.05
C1' TAF A 5 3.58 -5.99 0.72
C3' TAF A 5 4.80 -6.89 2.60
O3' TAF A 5 6.21 -7.11 2.65
H6 TAF A 5 1.25 -5.52 2.00
H3 TAF A 5 2.09 -2.52 -1.66
H71 TAF A 5 -0.58 -3.08 2.57
H72 TAF A 5 -1.02 -4.75 2.18
H73 TAF A 5 -1.61 -3.43 1.17
H2' TAF A 5 5.32 -5.05 1.53
H5' TAF A 5 3.09 -9.83 1.86
H5'' TAF A 5 4.29 -9.57 3.14
H4' TAF A 5 4.80 -8.38 1.03
H1' TAF A 5 4.23 -6.08 -0.16
H3' TAF A 5 4.37 -6.88 3.60
F A5L A 6 6.36 -1.23 3.42
P A5L A 6 7.17 -6.35 3.72
N1 A5L A 6 3.06 1.60 -1.16
C2 A5L A 6 4.38 1.59 -1.23
N3 A5L A 6 5.21 0.78 -0.58
C4 A5L A 6 4.55 -0.09 0.24
C5 A5L A 6 3.20 -0.18 0.42
C6 A5L A 6 2.44 0.73 -0.36
N6 A5L A 6 1.11 0.75 -0.39
N7 A5L A 6 2.88 -1.20 1.32
C8 A5L A 6 4.06 -1.69 1.64
N9 A5L A 6 5.11 -1.08 1.01
C1' A5L A 6 6.55 -1.45 1.06
C2' A5L A 6 7.25 -1.08 2.37
C3' A5L A 6 8.37 -2.11 2.45
O3' A5L A 6 9.68 -1.61 2.14
C4' A5L A 6 7.97 -3.19 1.43
O4' A5L A 6 6.68 -2.86 0.95
C5' A5L A 6 8.08 -4.62 1.95
O5' A5L A 6 7.28 -4.86 3.10
OP1 A5L A 6 8.50 -6.98 3.67
OP2 A5L A 6 6.43 -6.27 4.99
H2 A5L A 6 4.82 2.33 -1.89
H8 A5L A 6 4.21 -2.51 2.32
HN6 A5L A 6 0.64 1.38 -1.05
HN6A A5L A 6 0.61 0.00 0.06
H5' A5L A 6 9.11 -4.83 2.18
H5'A A5L A 6 7.76 -5.30 1.15
H1' A5L A 6 7.04 -0.93 0.25
H2' A5L A 6 7.61 -0.07 2.32
H3' A5L A 6 8.36 -2.55 3.45
H4' A5L A 6 8.65 -3.09 0.58
F A5L A 7 8.04 3.39 3.67
P A5L A 7 10.48 -0.60 3.15
N1 A5L A 7 2.61 4.70 0.05
C2 A5L A 7 3.77 5.10 -0.47
N3 A5L A 7 5.00 4.77 -0.08
C4 A5L A 7 4.98 3.91 0.99
C5 A5L A 7 3.88 3.41 1.63
C6 A5L A 7 2.65 3.86 1.09
N6 A5L A 7 1.46 3.52 1.57
N7 A5L A 7 4.23 2.56 2.67
C8 A5L A 7 5.53 2.57 2.62
N9 A5L A 7 6.07 3.38 1.65
C1' A5L A 7 7.49 3.62 1.35
C2' A5L A 7 8.35 4.10 2.53
C3' A5L A 7 9.76 3.75 2.03
O3' A5L A 7 10.47 4.81 1.39
C4' A5L A 7 9.52 2.61 1.03
O4' A5L A 7 8.12 2.43 0.88
C5' A5L A 7 10.25 1.31 1.36
O5' A5L A 7 9.93 0.82 2.66
OP1 A5L A 7 11.92 -0.69 2.84
OP2 A5L A 7 9.99 -0.85 4.52
H2 A5L A 7 3.67 5.74 -1.33
H8 A5L A 7 6.19 2.04 3.28
HN6 A5L A 7 0.62 3.84 1.09
HN6A A5L A 7 1.43 2.91 2.38
H5' A5L A 7 11.32 1.48 1.31
H5'A A5L A 7 9.98 0.56 0.62
H1' A5L A 7 7.50 4.40 0.60
H2' A5L A 7 8.21 5.16 2.71
H3' A5L A 7 10.33 3.38 2.89
H4' A5L A 7 9.90 2.94 0.05
P TAF A 8 10.90 6.17 2.17
OP1 TAF A 8 12.08 6.74 1.48
OP2 TAF A 8 10.93 5.87 3.61
O5' TAF A 8 9.62 7.09 1.85
N1 TAF A 8 4.87 7.51 2.03
C6 TAF A 8 5.29 6.72 3.10
C2 TAF A 8 3.52 7.66 1.74
O2 TAF A 8 3.10 8.37 0.84
N3 TAF A 8 2.65 6.93 2.51
C4 TAF A 8 2.97 6.10 3.56
O4 TAF A 8 2.06 5.48 4.11
C5 TAF A 8 4.39 6.03 3.86
C5M TAF A 8 4.90 5.19 5.02
F2' TAF A 8 6.57 9.33 3.17
C2' TAF A 8 6.48 9.45 1.81
C5' TAF A 8 9.33 7.47 0.52
C4' TAF A 8 7.99 8.19 0.39
O4' TAF A 8 6.94 7.34 0.84
C1' TAF A 8 5.86 8.21 1.17
C3' TAF A 8 7.90 9.49 1.20
O3' TAF A 8 8.18 10.60 0.37
H6 TAF A 8 6.34 6.68 3.32
H3 TAF A 8 1.65 7.07 2.31
H71 TAF A 8 4.63 5.67 5.96
H72 TAF A 8 5.98 5.09 4.97
H73 TAF A 8 4.45 4.20 4.97
H2' TAF A 8 5.90 10.33 1.54
H5' TAF A 8 9.30 6.59 -0.12
H5'' TAF A 8 10.12 8.13 0.15
H4' TAF A 8 7.81 8.41 -0.65
H1' TAF A 8 5.36 8.53 0.25
H3' TAF A 8 8.61 9.43 2.03
P GFL A 9 8.34 12.10 0.95
O1P GFL A 9 9.06 12.92 -0.03
O2P GFL A 9 8.85 12.00 2.35
O5' GFL A 9 6.81 12.60 1.00
C5' GFL A 9 6.29 13.31 2.11
C4' GFL A 9 4.79 13.60 1.92
O4' GFL A 9 4.02 12.40 1.98
C3' GFL A 9 4.27 14.53 3.02
O3' GFL A 9 3.35 15.49 2.50
C2' GFL A 9 3.63 13.57 4.00
C1' GFL A 9 3.04 12.55 3.02
N9 GFL A 9 2.66 11.28 3.64
C8 GFL A 9 3.47 10.30 4.13
N7 GFL A 9 2.85 9.32 4.71
C5 GFL A 9 1.50 9.67 4.61
C6 GFL A 9 0.29 9.03 5.08
O6 GFL A 9 0.14 7.98 5.70
N1 GFL A 9 -0.85 9.73 4.77
C2 GFL A 9 -0.86 10.92 4.10
N2 GFL A 9 -2.02 11.51 3.94
N3 GFL A 9 0.23 11.54 3.65
C4 GFL A 9 1.38 10.86 3.94
F GFL A 9 4.58 12.96 4.81
H5'1 GFL A 9 6.43 12.73 3.02
H5'2 GFL A 9 6.83 14.25 2.19
H4' GFL A 9 4.66 14.08 0.95
H3' GFL A 9 5.10 15.05 3.51
H2' GFL A 9 2.87 14.04 4.60
H1' GFL A 9 2.12 12.97 2.64
H8 GFL A 9 4.54 10.42 4.00
HN1 GFL A 9 -1.74 9.35 5.09
HN21 GFL A 9 -1.95 12.44 3.55
HN22 GFL A 9 -2.89 11.13 4.33
P GFL A 10 2.84 16.76 3.38
O1P GFL A 10 2.45 17.84 2.47
O2P GFL A 10 3.84 16.99 4.44
O5' GFL A 10 1.50 16.16 4.07
C5' GFL A 10 0.32 16.00 3.31
C4' GFL A 10 -0.94 15.76 4.15
O4' GFL A 10 -1.06 14.41 4.62
C3' GFL A 10 -1.10 16.68 5.38
O3' GFL A 10 -2.41 17.25 5.50
C2' GFL A 10 -0.76 15.76 6.55
C1' GFL A 10 -1.27 14.43 6.02
N9 GFL A 10 -0.71 13.23 6.69
C8 GFL A 10 0.59 12.82 6.81
N7 GFL A 10 0.75 11.68 7.43
C5 GFL A 10 -0.56 11.31 7.78
C6 GFL A 10 -1.07 10.18 8.50
O6 GFL A 10 -0.51 9.20 8.97
N1 GFL A 10 -2.45 10.24 8.66
C2 GFL A 10 -3.24 11.23 8.18
N2 GFL A 10 -4.52 11.15 8.45
N3 GFL A 10 -2.80 12.29 7.51
C4 GFL A 10 -1.45 12.27 7.34
F GFL A 10 0.60 15.71 6.79
H5'1 GFL A 10 0.15 16.91 2.72
H5'2 GFL A 10 0.45 15.17 2.61
H4' GFL A 10 -1.77 15.95 3.46
H3' GFL A 10 -0.35 17.47 5.33
HO3' GFL A 10 -3.04 16.86 4.86
H2' GFL A 10 -1.28 16.06 7.46
H1' GFL A 10 -2.34 14.39 6.26
H8 GFL A 10 1.40 13.42 6.41
HN1 GFL A 10 -2.87 9.46 9.14
HN21 GFL A 10 -5.08 11.91 8.09
HN22 GFL A 10 -4.90 10.41 9.04
O5' GFL A 1 -12.91 -4.58 -11.31
C5' GFL A 1 -13.62 -5.72 -10.84
C4' GFL A 1 -12.97 -6.47 -9.67
O4' GFL A 1 -11.77 -7.11 -10.09
C3' GFL A 1 -12.67 -5.60 -8.46
O3' GFL A 1 -13.26 -6.19 -7.31
C2' GFL A 1 -11.16 -5.51 -8.46
C1' GFL A 1 -10.82 -6.87 -9.06
N9 GFL A 1 -9.46 -6.98 -9.65
C8 GFL A 1 -8.82 -6.12 -10.51
N7 GFL A 1 -7.65 -6.52 -10.90
C5 GFL A 1 -7.48 -7.75 -10.24
C6 GFL A 1 -6.40 -8.69 -10.26
O6 GFL A 1 -5.36 -8.68 -10.90
N1 GFL A 1 -6.60 -9.77 -9.41
C2 GFL A 1 -7.71 -9.94 -8.66
N2 GFL A 1 -7.75 -11.01 -7.91
N3 GFL A 1 -8.76 -9.11 -8.64
C4 GFL A 1 -8.59 -8.02 -9.46
F GFL A 1 -10.74 -4.47 -9.29
H5'1 GFL A 1 -14.60 -5.38 -10.51
H5'2 GFL A 1 -13.76 -6.43 -11.66
H4' GFL A 1 -13.67 -7.26 -9.38
H3' GFL A 1 -13.07 -4.59 -8.59
H2' GFL A 1 -10.71 -5.39 -7.48
H1' GFL A 1 -10.87 -7.59 -8.25
H8 GFL A 1 -9.28 -5.21 -10.83
HN1 GFL A 1 -5.86 -10.45 -9.37
HN21 GFL A 1 -8.58 -11.14 -7.36
HN22 GFL A 1 -6.96 -11.67 -7.89
HO5' GFL A 1 -12.04 -4.86 -11.62
P CFL A 2 -13.18 -5.51 -5.84
O1P CFL A 2 -14.41 -5.92 -5.12
O2P CFL A 2 -12.84 -4.08 -5.99
O5' CFL A 2 -11.94 -6.31 -5.19
C5' CFL A 2 -12.06 -7.68 -4.89
C4' CFL A 2 -10.80 -8.34 -4.33
O4' CFL A 2 -9.79 -8.40 -5.31
C3' CFL A 2 -10.24 -7.65 -3.08
O3' CFL A 2 -10.20 -8.60 -2.01
C2' CFL A 2 -8.89 -7.13 -3.53
C1' CFL A 2 -8.56 -8.10 -4.67
N1 CFL A 2 -7.61 -7.62 -5.70
C2 CFL A 2 -6.40 -8.31 -5.89
O2 CFL A 2 -6.13 -9.31 -5.24
N3 CFL A 2 -5.49 -7.87 -6.79
C4 CFL A 2 -5.76 -6.79 -7.50
N4 CFL A 2 -4.85 -6.41 -8.36
C5 CFL A 2 -7.00 -6.09 -7.40
C6 CFL A 2 -7.92 -6.55 -6.51
F CFL A 2 -9.00 -5.83 -4.01
H5'1 CFL A 2 -12.86 -7.80 -4.15
H5'2 CFL A 2 -12.33 -8.22 -5.79
H4' CFL A 2 -11.05 -9.36 -4.08
H3' CFL A 2 -10.87 -6.80 -2.80
H2' CFL A 2 -8.12 -7.16 -2.76
H1' CFL A 2 -8.14 -8.99 -4.18
HN41 CFL A 2 -3.99 -6.94 -8.44
HN42 CFL A 2 -5.03 -5.61 -8.94
H5 CFL A 2 -7.26 -5.25 -8.03
H6 CFL A 2 -8.90 -6.09 -6.42
P TAF A 3 -9.70 -8.23 -0.51
OP1 TAF A 3 -10.35 -9.16 0.43
OP2 TAF A 3 -9.81 -6.77 -0.33
O5' TAF A 3 -8.15 -8.61 -0.63
N1 TAF A 3 -4.09 -8.04 -2.85
C6 TAF A 3 -4.92 -6.95 -2.99
C2 TAF A 3 -2.89 -8.13 -3.57
O2 TAF A 3 -2.05 -8.99 -3.37
N3 TAF A 3 -2.69 -7.16 -4.52
C4 TAF A 3 -3.50 -6.08 -4.79
O4 TAF A 3 -3.20 -5.31 -5.69
C5 TAF A 3 -4.68 -5.98 -3.90
C5M TAF A 3 -5.65 -4.80 -4.02
F2' TAF A 3 -4.53 -7.44 -0.21
C2' TAF A 3 -4.35 -8.79 -0.46
C5' TAF A 3 -7.78 -9.96 -0.83
C4' TAF A 3 -6.27 -10.14 -0.95
O4' TAF A 3 -5.81 -9.53 -2.14
C1' TAF A 3 -4.46 -9.15 -1.94
C3' TAF A 3 -5.47 -9.55 0.22
O3' TAF A 3 -5.03 -10.59 1.11
H6 TAF A 3 -5.76 -6.88 -2.30
H3 TAF A 3 -1.84 -7.24 -5.08
H71 TAF A 3 -5.13 -3.87 -3.85
H72 TAF A 3 -6.48 -4.89 -3.31
H73 TAF A 3 -6.04 -4.76 -5.03
H2' TAF A 3 -3.37 -9.11 -0.14
H5' TAF A 3 -8.23 -10.31 -1.76
H5'' TAF A 3 -8.14 -10.56 0.00
H4' TAF A 3 -6.08 -11.21 -1.00
H1' TAF A 3 -3.81 -10.00 -2.12
H3' TAF A 3 -6.10 -8.83 0.76
F A5L A 4 -0.77 -7.73 1.88
P A5L A 4 -4.29 -10.24 2.51
N1 A5L A 4 1.42 -5.49 -3.81
C2 A5L A 4 2.03 -6.56 -3.31
N3 A5L A 4 1.61 -7.37 -2.36
C4 A5L A 4 0.40 -6.99 -1.87
C5 A5L A 4 -0.35 -5.92 -2.27
C6 A5L A 4 0.23 -5.16 -3.32
N6 A5L A 4 -0.28 -4.07 -3.84
N7 A5L A 4 -1.52 -5.81 -1.51
C8 A5L A 4 -1.43 -6.82 -0.70
N9 A5L A 4 -0.30 -7.57 -0.85
C1' A5L A 4 0.19 -8.74 -0.06
C2' A5L A 4 0.29 -8.50 1.45
C3' A5L A 4 0.18 -9.93 1.98
O3' A5L A 4 1.42 -10.60 2.19
C4' A5L A 4 -0.65 -10.64 0.92
O4' A5L A 4 -0.68 -9.85 -0.25
C5' A5L A 4 -2.04 -11.03 1.39
O5' A5L A 4 -2.78 -9.99 2.01
OP1 A5L A 4 -4.29 -11.47 3.33
OP2 A5L A 4 -4.84 -8.98 3.02
H2 A5L A 4 2.98 -6.79 -3.77
H8 A5L A 4 -2.17 -7.04 0.06
HN6 A5L A 4 0.23 -3.62 -4.61
HN6A A5L A 4 -1.17 -3.72 -3.50
H5' A5L A 4 -1.95 -11.85 2.11
H5'A A5L A 4 -2.59 -11.39 0.51
H1' A5L A 4 1.20 -8.93 -0.41
H2' A5L A 4 1.22 -8.01 1.69
H3' A5L A 4 -0.38 -9.89 2.91
H4' A5L A 4 -0.15 -11.59 0.67
P TAF A 5 2.43 -10.21 3.40
OP1 TAF A 5 3.33 -11.36 3.63
OP2 TAF A 5 1.63 -9.63 4.49
O5' TAF A 5 3.27 -9.04 2.70
N1 TAF A 5 2.88 -5.13 -0.16
C6 TAF A 5 1.76 -5.08 0.65
C2 TAF A 5 3.08 -4.18 -1.17
O2 TAF A 5 4.12 -4.09 -1.83
N3 TAF A 5 2.05 -3.31 -1.40
C4 TAF A 5 0.90 -3.19 -0.67
O4 TAF A 5 0.10 -2.31 -0.99
C5 TAF A 5 0.78 -4.15 0.44
C5M TAF A 5 -0.41 -4.11 1.38
F2' TAF A 5 4.38 -4.99 2.13
C2' TAF A 5 4.94 -5.75 1.12
C5' TAF A 5 4.13 -9.36 1.62
C4' TAF A 5 4.61 -8.12 0.85
O4' TAF A 5 3.49 -7.43 0.31
C1' TAF A 5 3.96 -6.13 0.02
C3' TAF A 5 5.35 -7.11 1.72
O3' TAF A 5 6.76 -7.30 1.67
H6 TAF A 5 1.67 -5.77 1.47
H3 TAF A 5 2.21 -2.62 -2.13
H71 TAF A 5 -0.90 -5.08 1.46
H72 TAF A 5 -1.15 -3.39 1.02
H73 TAF A 5 -0.07 -3.82 2.38
H2' TAF A 5 5.78 -5.23 0.66
H5' TAF A 5 3.60 -9.98 0.90
H5'' TAF A 5 4.99 -9.92 1.98
H4' TAF A 5 5.27 -8.47 0.05
H1' TAF A 5 4.52 -6.17 -0.92
H3' TAF A 5 4.97 -7.15 2.74
F A5L A 6 6.72 -1.60 2.67
P A5L A 6 7.77 -6.56 2.71
N1 A5L A 6 3.32 1.62 -1.49
C2 A5L A 6 4.63 1.61 -1.64
N3 A5L A 6 5.49 0.74 -1.13
C4 A5L A 6 4.87 -0.19 -0.35
C5 A5L A 6 3.54 -0.30 -0.08
C6 A5L A 6 2.74 0.68 -0.72
N6 A5L A 6 1.43 0.76 -0.67
N7 A5L A 6 3.27 -1.37 0.77
C8 A5L A 6 4.45 -1.90 0.95
N9 A5L A 6 5.46 -1.25 0.29
C1' A5L A 6 6.89 -1.60 0.28
C2' A5L A 6 7.58 -1.32 1.62
C3' A5L A 6 8.74 -2.31 1.60
O3' A5L A 6 10.01 -1.72 1.33
C4' A5L A 6 8.36 -3.31 0.50
O4' A5L A 6 7.05 -2.99 0.06
C5' A5L A 6 8.51 -4.77 0.93
O5' A5L A 6 7.82 -5.06 2.14
OP1 A5L A 6 9.11 -7.17 2.54
OP2 A5L A 6 7.11 -6.55 4.04
H2 A5L A 6 5.01 2.43 -2.27
H8 A5L A 6 4.66 -2.77 1.54
HN6 A5L A 6 0.97 1.49 -1.23
HN6A A5L A 6 0.90 0.01 -0.24
H5' A5L A 6 9.58 -4.96 1.08
H5'A A5L A 6 8.13 -5.40 0.13
H1' A5L A 6 7.37 -1.00 -0.48
H2' A5L A 6 7.90 -0.28 1.65
H3' A5L A 6 8.76 -2.82 2.57
H4' A5L A 6 9.02 -3.14 -0.34
F A5L A 7 8.00 2.97 3.45
P A5L A 7 10.76 -0.77 2.41
N1 A5L A 7 2.78 4.85 -0.16
C2 A5L A 7 3.97 5.25 -0.57
N3 A5L A 7 5.17 4.82 -0.18
C4 A5L A 7 5.07 3.83 0.73
C5 A5L A 7 3.93 3.29 1.26
C6 A5L A 7 2.74 3.87 0.76
N6 A5L A 7 1.50 3.56 1.11
N7 A5L A 7 4.23 2.27 2.16
C8 A5L A 7 5.55 2.26 2.16
N9 A5L A 7 6.12 3.18 1.34
C1' A5L A 7 7.55 3.48 1.15
C2' A5L A 7 8.36 3.80 2.41
C3' A5L A 7 9.79 3.53 1.94
O3' A5L A 7 10.53 4.69 1.58
C4' A5L A 7 9.61 2.62 0.73
O4' A5L A 7 8.22 2.39 0.54
C5' A5L A 7 10.40 1.32 0.84
O5' A5L A 7 10.15 0.67 2.07
OP1 A5L A 7 12.19 -0.78 2.09
OP2 A5L A 7 10.28 -1.16 3.76
H2 A5L A 7 3.95 5.99 -1.34
H8 A5L A 7 6.17 1.61 2.75
HN6 A5L A 7 0.74 4.09 0.68
HN6A A5L A 7 1.35 2.83 1.78
H5' A5L A 7 11.46 1.56 0.76
H5'A A5L A 7 10.11 0.67 0.01
H1' A5L A 7 7.59 4.36 0.53
H2' A5L A 7 8.23 4.84 2.69
H3' A5L A 7 10.30 3.00 2.75
H4' A5L A 7 9.96 3.16 -0.16
P TAF A 8 11.02 5.80 2.66
OP1 TAF A 8 12.27 6.40 2.14
OP2 TAF A 8 10.96 5.20 4.01
O5' TAF A 8 9.84 6.88 2.53
N1 TAF A 8 5.04 7.07 2.44
C6 TAF A 8 5.37 6.14 3.40
C2 TAF A 8 3.72 7.33 2.10
O2 TAF A 8 3.38 8.21 1.32
N3 TAF A 8 2.78 6.55 2.72
C4 TAF A 8 3.00 5.59 3.68
O4 TAF A 8 2.04 4.99 4.15
C5 TAF A 8 4.42 5.39 4.03
C5M TAF A 8 4.88 4.35 5.06
F2' TAF A 8 6.61 8.67 4.03
C2' TAF A 8 6.56 9.05 2.70
C5' TAF A 8 9.61 7.53 1.29
C4' TAF A 8 8.22 8.15 1.20
O4' TAF A 8 7.23 7.17 1.45
C1' TAF A 8 6.08 7.90 1.79
C3' TAF A 8 7.98 9.30 2.19
O3' TAF A 8 8.05 10.57 1.54
H6 TAF A 8 6.40 6.03 3.67
H3 TAF A 8 1.81 6.79 2.53
H71 TAF A 8 4.05 3.94 5.65
H72 TAF A 8 5.60 4.80 5.73
H73 TAF A 8 5.35 3.53 4.53
H2' TAF A 8 5.90 9.90 2.55
H5' TAF A 8 9.67 6.80 0.48
H5'' TAF A 8 10.36 8.30 1.14
H4' TAF A 8 8.07 8.53 0.19
H1' TAF A 8 5.66 8.35 0.89
H3' TAF A 8 8.69 9.23 3.01
P GFL A 9 8.24 11.94 2.38
O1P GFL A 9 7.49 13.00 1.68
O2P GFL A 9 9.69 12.10 2.65
O5' GFL A 9 7.53 11.62 3.80
C5' GFL A 9 6.94 12.63 4.63
C4' GFL A 9 5.60 13.16 4.08
O4' GFL A 9 4.76 12.08 3.67
C3' GFL A 9 4.85 13.97 5.15
O3' GFL A 9 4.17 15.09 4.58
C2' GFL A 9 3.88 12.94 5.70
C1' GFL A 9 3.56 12.17 4.42
N9 GFL A 9 2.98 10.84 4.70
C8 GFL A 9 3.63 9.71 5.12
N7 GFL A 9 2.83 8.76 5.51
C5 GFL A 9 1.55 9.30 5.32
C6 GFL A 9 0.22 8.78 5.57
O6 GFL A 9 -0.13 7.70 6.05
N1 GFL A 9 -0.78 9.66 5.21
C2 GFL A 9 -0.57 10.89 4.64
N2 GFL A 9 -1.61 11.62 4.37
N3 GFL A 9 0.63 11.40 4.40
C4 GFL A 9 1.65 10.56 4.77
F GFL A 9 4.48 12.10 6.64
H5'1 GFL A 9 6.77 12.20 5.61
H5'2 GFL A 9 7.63 13.47 4.73
H4' GFL A 9 5.81 13.81 3.24
H3' GFL A 9 5.50 14.30 5.94
H2' GFL A 9 2.99 13.39 6.14
H1' GFL A 9 2.79 12.69 3.88
H8 GFL A 9 4.70 9.71 5.14
HN1 GFL A 9 -1.73 9.40 5.41
HN21 GFL A 9 -1.37 12.57 4.11
HN22 GFL A 9 -2.56 11.37 4.64
P GFL A 10 3.45 16.22 5.51
O1P GFL A 10 3.37 17.47 4.72
O2P GFL A 10 4.12 16.20 6.82
O5' GFL A 10 1.96 15.65 5.70
C5' GFL A 10 1.03 15.66 4.63
C4' GFL A 10 -0.43 15.57 5.06
O4' GFL A 10 -0.83 14.26 5.44
C3' GFL A 10 -0.83 16.51 6.22
O3' GFL A 10 -2.06 17.20 6.02
C2' GFL A 10 -0.93 15.58 7.43
C1' GFL A 10 -1.44 14.32 6.73
N9 GFL A 10 -1.15 13.08 7.46
C8 GFL A 10 0.06 12.46 7.61
N7 GFL A 10 0.00 11.27 8.16
C5 GFL A 10 -1.37 11.12 8.42
C6 GFL A 10 -2.10 10.03 9.00
O6 GFL A 10 -1.73 8.95 9.42
N1 GFL A 10 -3.47 10.27 9.06
C2 GFL A 10 -4.06 11.45 8.66
N2 GFL A 10 -5.36 11.53 8.81
N3 GFL A 10 -3.40 12.48 8.14
C4 GFL A 10 -2.07 12.24 8.02
F GFL A 10 0.30 15.37 8.03
H5'1 GFL A 10 1.14 16.60 4.08
H5'2 GFL A 10 1.25 14.84 3.96
H4' GFL A 10 -1.02 15.84 4.18
H3' GFL A 10 0.01 17.20 6.42
HO3' GFL A 10 -2.14 17.56 5.13
H2' GFL A 10 -1.65 15.95 8.16
H1' GFL A 10 -2.53 14.39 6.67
H8 GFL A 10 0.97 12.94 7.27
HN1 GFL A 10 -4.04 9.51 9.38
HN21 GFL A 10 -5.77 12.42 8.58
HN22 GFL A 10 -5.89 10.75 9.21
O5' GFL A 1 -13.25 -4.13 -11.28
C5' GFL A 1 -13.84 -5.38 -10.93
C4' GFL A 1 -13.13 -6.16 -9.80
O4' GFL A 1 -11.91 -6.71 -10.23
C3' GFL A 1 -12.89 -5.37 -8.50
O3' GFL A 1 -13.50 -6.06 -7.41
C2' GFL A 1 -11.36 -5.25 -8.47
C1' GFL A 1 -10.96 -6.54 -9.19
N9 GFL A 1 -9.59 -6.57 -9.75
C8 GFL A 1 -8.99 -5.63 -10.56
N7 GFL A 1 -7.80 -5.96 -10.99
C5 GFL A 1 -7.58 -7.21 -10.39
C6 GFL A 1 -6.45 -8.10 -10.45
O6 GFL A 1 -5.40 -7.98 -11.09
N1 GFL A 1 -6.62 -9.24 -9.69
C2 GFL A 1 -7.72 -9.51 -8.96
N2 GFL A 1 -7.71 -10.62 -8.27
N3 GFL A 1 -8.79 -8.73 -8.89
C4 GFL A 1 -8.67 -7.58 -9.63
F GFL A 1 -10.96 -4.15 -9.21
H5'1 GFL A 1 -14.87 -5.21 -10.64
H5'2 GFL A 1 -13.84 -6.02 -11.81
H4' GFL A 1 -13.78 -6.99 -9.55
H3' GFL A 1 -13.29 -4.36 -8.56
H2' GFL A 1 -10.90 -5.20 -7.48
H1' GFL A 1 -11.00 -7.32 -8.44
H8 GFL A 1 -9.48 -4.71 -10.83
HN1 GFL A 1 -5.85 -9.91 -9.68
HN21 GFL A 1 -8.53 -10.79 -7.71
HN22 GFL A 1 -6.92 -11.28 -8.28
HO5' GFL A 1 -12.40 -4.27 -11.70
P CFL A 2 -13.60 -5.44 -5.91
O1P CFL A 2 -14.77 -6.06 -5.25
O2P CFL A 2 -13.52 -3.97 -6.01
O5' CFL A 2 -12.28 -6.04 -5.24
C5' CFL A 2 -12.17 -7.44 -4.99
C4' CFL A 2 -10.78 -7.87 -4.54
O4' CFL A 2 -9.81 -7.82 -5.57
C3' CFL A 2 -10.24 -7.13 -3.33
O3' CFL A 2 -10.36 -7.96 -2.17
C2' CFL A 2 -8.80 -6.76 -3.73
C1' CFL A 2 -8.55 -7.68 -4.94
N1 CFL A 2 -7.55 -7.17 -5.93
C2 CFL A 2 -6.33 -7.83 -6.07
O2 CFL A 2 -6.07 -8.85 -5.43
N3 CFL A 2 -5.38 -7.36 -6.93
C4 CFL A 2 -5.65 -6.29 -7.65
N4 CFL A 2 -4.72 -5.91 -8.49
C5 CFL A 2 -6.90 -5.61 -7.58
C6 CFL A 2 -7.84 -6.09 -6.73
F CFL A 2 -8.75 -5.43 -4.13
H5'1 CFL A 2 -12.90 -7.70 -4.21
H5'2 CFL A 2 -12.42 -7.98 -5.90
H4' CFL A 2 -10.87 -8.93 -4.26
H3' CFL A 2 -10.79 -6.20 -3.17
H2' CFL A 2 -8.07 -6.93 -2.95
H1' CFL A 2 -8.20 -8.63 -4.53
HN41 CFL A 2 -3.87 -6.46 -8.56
HN42 CFL A 2 -4.91 -5.15 -9.13
H5 CFL A 2 -7.14 -4.76 -8.22
H6 CFL A 2 -8.82 -5.62 -6.65
P TAF A 3 -9.90 -7.51 -0.68
OP1 TAF A 3 -10.66 -8.30 0.31
OP2 TAF A 3 -9.91 -6.03 -0.64
O5' TAF A 3 -8.39 -8.03 -0.70
N1 TAF A 3 -4.24 -7.75 -2.82
C6 TAF A 3 -4.95 -6.59 -3.00
C2 TAF A 3 -3.06 -7.98 -3.54
O2 TAF A 3 -2.33 -8.95 -3.35
N3 TAF A 3 -2.70 -7.03 -4.47
C4 TAF A 3 -3.38 -5.85 -4.73
O4 TAF A 3 -2.93 -5.10 -5.59
C5 TAF A 3 -4.56 -5.65 -3.90
C5M TAF A 3 -5.38 -4.37 -4.04
F2' TAF A 3 -4.90 -7.06 -0.22
C2' TAF A 3 -4.65 -8.41 -0.40
C5' TAF A 3 -8.11 -9.41 -0.84
C4' TAF A 3 -6.62 -9.71 -0.97
O4' TAF A 3 -6.08 -9.11 -2.15
C1' TAF A 3 -4.72 -8.81 -1.88
C3' TAF A 3 -5.80 -9.22 0.23
O3' TAF A 3 -5.38 -10.33 1.03
H6 TAF A 3 -5.82 -6.44 -2.38
H3 TAF A 3 -1.84 -7.20 -4.98
H71 TAF A 3 -6.22 -4.56 -4.71
H72 TAF A 3 -4.77 -3.57 -4.43
H73 TAF A 3 -5.77 -4.07 -3.07
H2' TAF A 3 -3.67 -8.67 0.00
H5' TAF A 3 -8.61 -9.80 -1.73
H5'' TAF A 3 -8.50 -9.94 0.03
H4' TAF A 3 -6.52 -10.79 -1.06
H1' TAF A 3 -4.08 -9.68 -2.01
H3' TAF A 3 -6.40 -8.54 0.82
F A5L A 4 -1.33 -7.48 2.12
P A5L A 4 -4.75 -10.12 2.51
N1 A5L A 4 1.33 -5.51 -3.63
C2 A5L A 4 1.89 -6.55 -3.06
N3 A5L A 4 1.41 -7.29 -2.05
C4 A5L A 4 0.19 -6.85 -1.64
C5 A5L A 4 -0.51 -5.79 -2.13
C6 A5L A 4 0.12 -5.12 -3.21
N6 A5L A 4 -0.36 -4.05 -3.84
N7 A5L A 4 -1.71 -5.60 -1.44
C8 A5L A 4 -1.67 -6.55 -0.54
N9 A5L A 4 -0.55 -7.34 -0.59
C1' A5L A 4 -0.14 -8.47 0.30
C2' A5L A 4 -0.21 -8.21 1.82
C3' A5L A 4 -0.30 -9.63 2.37
O3' A5L A 4 0.95 -10.26 2.69
C4' A5L A 4 -1.00 -10.41 1.25
O4' A5L A 4 -0.96 -9.61 0.06
C5' A5L A 4 -2.42 -10.87 1.62
O5' A5L A 4 -3.22 -9.84 2.14
OP1 A5L A 4 -4.84 -11.40 3.24
OP2 A5L A 4 -5.34 -8.89 3.09
H2 A5L A 4 2.85 -6.84 -3.46
H8 A5L A 4 -2.44 -6.69 0.19
HN6 A5L A 4 0.17 -3.66 -4.61
HN6A A5L A 4 -1.28 -3.71 -3.59
H5' A5L A 4 -2.34 -11.67 2.36
H5'A A5L A 4 -2.89 -11.29 0.72
H1' A5L A 4 0.90 -8.65 0.06
H2' A5L A 4 0.67 -7.67 2.16
H3' A5L A 4 -0.93 -9.61 3.27
H4' A5L A 4 -0.44 -11.34 1.06
P TAF A 5 1.89 -9.76 3.91
OP1 TAF A 5 2.73 -10.89 4.35
OP2 TAF A 5 1.04 -9.03 4.88
O5' TAF A 5 2.80 -8.70 3.12
N1 TAF A 5 2.66 -4.98 0.09
C6 TAF A 5 1.51 -4.87 0.86
C2 TAF A 5 2.90 -4.09 -0.96
O2 TAF A 5 3.94 -4.07 -1.61
N3 TAF A 5 1.90 -3.20 -1.25
C4 TAF A 5 0.76 -2.97 -0.51
O4 TAF A 5 0.05 -2.02 -0.84
C5 TAF A 5 0.58 -3.90 0.60
C5M TAF A 5 -0.62 -3.78 1.52
F2' TAF A 5 3.87 -5.01 2.55
C2' TAF A 5 4.61 -5.64 1.56
C5' TAF A 5 3.70 -9.16 2.11
C4' TAF A 5 4.23 -8.01 1.27
O4' TAF A 5 3.19 -7.27 0.65
C1' TAF A 5 3.71 -5.99 0.37
C3' TAF A 5 5.09 -7.00 2.04
O3' TAF A 5 6.49 -7.23 1.82
H6 TAF A 5 1.38 -5.54 1.69
H3 TAF A 5 2.10 -2.55 -2.00
H71 TAF A 5 -1.35 -3.09 1.09
H72 TAF A 5 -0.29 -3.40 2.49
H73 TAF A 5 -1.08 -4.75 1.66
H2' TAF A 5 5.41 -4.98 1.22
H5' TAF A 5 3.17 -9.85 1.45
H5'' TAF A 5 4.53 -9.68 2.58
H4' TAF A 5 4.85 -8.45 0.47
H1' TAF A 5 4.36 -6.03 -0.51
H3' TAF A 5 4.86 -7.08 3.10
F A5L A 6 6.54 -1.72 3.10
P A5L A 6 7.62 -6.61 2.79
N1 A5L A 6 3.16 1.59 -1.23
C2 A5L A 6 4.48 1.64 -1.32
N3 A5L A 6 5.35 0.82 -0.74
C4 A5L A 6 4.74 -0.14 0.00
C5 A5L A 6 3.38 -0.30 0.18
C6 A5L A 6 2.58 0.64 -0.51
N6 A5L A 6 1.25 0.62 -0.55
N7 A5L A 6 3.11 -1.39 1.02
C8 A5L A 6 4.31 -1.85 1.29
N9 A5L A 6 5.33 -1.15 0.70
C1' A5L A 6 6.79 -1.45 0.75
C2' A5L A 6 7.44 -1.31 2.13
C3' A5L A 6 8.62 -2.28 2.03
O3' A5L A 6 9.91 -1.69 1.81
C4' A5L A 6 8.26 -3.19 0.85
O4' A5L A 6 6.99 -2.80 0.37
C5' A5L A 6 8.36 -4.68 1.14
O5' A5L A 6 7.67 -5.07 2.33
OP1 A5L A 6 8.92 -7.24 2.46
OP2 A5L A 6 7.11 -6.66 4.18
H2 A5L A 6 4.88 2.46 -1.91
H8 A5L A 6 4.50 -2.70 1.92
HN6 A5L A 6 0.77 1.30 -1.14
HN6A A5L A 6 0.77 -0.20 -0.20
H5' A5L A 6 9.42 -4.94 1.26
H5'A A5L A 6 7.96 -5.23 0.29
H1' A5L A 6 7.28 -0.76 0.07
H2' A5L A 6 7.73 -0.28 2.31
H3' A5L A 6 8.64 -2.86 2.95
H4' A5L A 6 8.97 -2.97 0.04
F A5L A 7 7.97 3.21 3.52
P A5L A 7 10.62 -0.71 2.89
N1 A5L A 7 2.65 4.88 -0.04
C2 A5L A 7 3.84 5.25 -0.50
N3 A5L A 7 5.04 4.85 -0.10
C4 A5L A 7 4.97 3.93 0.90
C5 A5L A 7 3.81 3.43 1.46
C6 A5L A 7 2.62 3.97 0.93
N6 A5L A 7 1.41 3.67 1.34
N7 A5L A 7 4.13 2.47 2.44
C8 A5L A 7 5.44 2.43 2.41
N9 A5L A 7 6.01 3.29 1.51
C1' A5L A 7 7.45 3.49 1.22
C2' A5L A 7 8.33 3.93 2.40
C3' A5L A 7 9.73 3.57 1.90
O3' A5L A 7 10.44 4.65 1.29
C4' A5L A 7 9.47 2.48 0.86
O4' A5L A 7 8.07 2.29 0.75
C5' A5L A 7 10.24 1.19 1.14
O5' A5L A 7 10.00 0.69 2.44
OP1 A5L A 7 12.08 -0.69 2.63
OP2 A5L A 7 10.10 -1.05 4.24
H2 A5L A 7 3.81 5.96 -1.31
H8 A5L A 7 6.06 1.80 3.01
HN6 A5L A 7 0.61 4.14 0.90
HN6A A5L A 7 1.30 3.02 2.09
H5' A5L A 7 11.30 1.39 1.02
H5'A A5L A 7 9.94 0.45 0.39
H1' A5L A 7 7.48 4.27 0.48
H2' A5L A 7 8.21 4.99 2.59
H3' A5L A 7 10.29 3.18 2.74
H4' A5L A 7 9.80 2.86 -0.12
P TAF A 8 10.99 5.93 2.13
OP1 TAF A 8 12.19 6.45 1.45
OP2 TAF A 8 11.03 5.55 3.56
O5' TAF A 8 9.78 6.96 1.91
N1 TAF A 8 5.10 7.36 2.20
C6 TAF A 8 5.54 6.57 3.25
C2 TAF A 8 3.74 7.50 1.93
O2 TAF A 8 3.29 8.25 1.07
N3 TAF A 8 2.89 6.75 2.70
C4 TAF A 8 3.23 5.89 3.73
O4 TAF A 8 2.32 5.26 4.27
C5 TAF A 8 4.67 5.84 4.00
C5M TAF A 8 5.20 4.97 5.12
F2' TAF A 8 6.63 9.33 3.35
C2' TAF A 8 6.62 9.38 1.97
C5' TAF A 8 9.52 7.50 0.62
C4' TAF A 8 8.17 8.19 0.55
O4' TAF A 8 7.15 7.30 0.98
C1' TAF A 8 6.04 8.11 1.33
C3' TAF A 8 8.06 9.42 1.46
O3' TAF A 8 8.36 10.60 0.71
H6 TAF A 8 6.60 6.56 3.45
H3 TAF A 8 1.90 6.89 2.54
H71 TAF A 8 6.28 5.07 5.21
H72 TAF A 8 4.96 3.93 4.91
H73 TAF A 8 4.72 5.26 6.05
H2' TAF A 8 6.02 10.22 1.64
H5' TAF A 8 9.52 6.68 -0.11
H5'' TAF A 8 10.31 8.20 0.35
H4' TAF A 8 7.96 8.49 -0.47
H1' TAF A 8 5.53 8.41 0.42
H3' TAF A 8 8.73 9.30 2.31
P GFL A 9 8.57 12.05 1.43
O1P GFL A 9 9.20 12.97 0.46
O2P GFL A 9 9.19 11.82 2.75
O5' GFL A 9 7.05 12.51 1.64
C5' GFL A 9 6.56 12.98 2.89
C4' GFL A 9 5.09 13.38 2.75
O4' GFL A 9 4.24 12.23 2.67
C3' GFL A 9 4.57 14.21 3.95
O3' GFL A 9 3.72 15.27 3.50
C2' GFL A 9 3.87 13.17 4.80
C1' GFL A 9 3.27 12.30 3.70
N9 GFL A 9 2.82 10.98 4.18
C8 GFL A 9 3.58 9.94 4.62
N7 GFL A 9 2.89 8.96 5.14
C5 GFL A 9 1.56 9.38 5.03
C6 GFL A 9 0.32 8.78 5.43
O6 GFL A 9 0.09 7.72 6.02
N1 GFL A 9 -0.79 9.54 5.09
C2 GFL A 9 -0.72 10.74 4.45
N2 GFL A 9 -1.84 11.40 4.26
N3 GFL A 9 0.41 11.33 4.08
C4 GFL A 9 1.52 10.60 4.39
F GFL A 9 4.79 12.43 5.54
H5'1 GFL A 9 6.67 12.21 3.65
H5'2 GFL A 9 7.15 13.86 3.19
H4' GFL A 9 4.98 13.98 1.85
H3' GFL A 9 5.40 14.64 4.51
H2' GFL A 9 3.12 13.59 5.45
H1' GFL A 9 2.37 12.79 3.36
H8 GFL A 9 4.64 10.02 4.55
HN1 GFL A 9 -1.70 9.19 5.37
HN21 GFL A 9 -1.69 12.35 3.95
HN22 GFL A 9 -2.74 11.06 4.60
P GFL A 10 3.10 16.37 4.52
O1P GFL A 10 2.94 17.65 3.78
O2P GFL A 10 3.88 16.31 5.77
O5' GFL A 10 1.63 15.77 4.80
C5' GFL A 10 0.67 15.73 3.76
C4' GFL A 10 -0.79 15.58 4.23
O4' GFL A 10 -1.09 14.28 4.71
C3' GFL A 10 -1.23 16.58 5.32
O3' GFL A 10 -2.54 17.11 5.08
C2' GFL A 10 -1.20 15.74 6.61
C1' GFL A 10 -1.60 14.38 6.05
N9 GFL A 10 -1.13 13.23 6.87
C8 GFL A 10 0.13 12.74 7.03
N7 GFL A 10 0.19 11.61 7.69
C5 GFL A 10 -1.15 11.34 8.00
C6 GFL A 10 -1.78 10.23 8.68
O6 GFL A 10 -1.29 9.21 9.15
N1 GFL A 10 -3.15 10.39 8.80
C2 GFL A 10 -3.85 11.45 8.32
N2 GFL A 10 -5.14 11.45 8.49
N3 GFL A 10 -3.31 12.49 7.68
C4 GFL A 10 -1.96 12.36 7.54
F GFL A 10 0.05 15.70 7.18
H5'1 GFL A 10 0.71 16.66 3.19
H5'2 GFL A 10 0.91 14.91 3.08
H4' GFL A 10 -1.40 15.76 3.35
H3' GFL A 10 -0.50 17.37 5.42
HO3' GFL A 10 -2.87 16.88 4.21
H2' GFL A 10 -1.93 16.10 7.34
H1' GFL A 10 -2.68 14.32 6.04
H8 GFL A 10 0.98 13.27 6.62
HN1 GFL A 10 -3.64 9.62 9.23
HN21 GFL A 10 -5.63 12.25 8.14
HN22 GFL A 10 -5.62 10.71 9.01
#